data_3GBU
#
_entry.id   3GBU
#
_cell.length_a   71.148
_cell.length_b   119.422
_cell.length_c   178.810
_cell.angle_alpha   90.00
_cell.angle_beta   90.00
_cell.angle_gamma   90.00
#
_symmetry.space_group_name_H-M   'P 21 21 21'
#
loop_
_entity.id
_entity.type
_entity.pdbx_description
1 polymer 'Uncharacterized sugar kinase PH1459'
2 non-polymer "ADENOSINE-5'-TRIPHOSPHATE"
3 water water
#
_entity_poly.entity_id   1
_entity_poly.type   'polypeptide(L)'
_entity_poly.pdbx_seq_one_letter_code
;(MSE)SLIASIGELLIDLISVEEGDLKDVRLFEKHPGGAPANVAVGVSRLGVKSSLISKVGNDPFGEYLIEELSKENVDT
RGIVKDEKKHTGIVFVQLKGASPSFLLYDDVAYFN(MSE)TLNDINWDIVEEAKIVNFGSVILARNPSRETV(MSE)KVI
KKIKGSSLIAFDVNLRLDLWRGQEEE(MSE)IKVLEESIKLADIVKASEEEVLYLENQGVEVKGS(MSE)LTAITLGPKG
FRLIKNETVVDVPSYNVNPLDTTGAGDAF(MSE)AALLVGILKLKGLDLLKLGKFANLVAALSTQKRGAWSTPRKDELLK
YKEAREVLAEGHHHHHH
;
_entity_poly.pdbx_strand_id   A,B,C,D
#
# COMPACT_ATOMS: atom_id res chain seq x y z
N LEU A 3 15.37 -33.31 7.95
CA LEU A 3 15.45 -33.80 9.34
C LEU A 3 14.26 -33.33 10.17
N ILE A 4 13.75 -32.14 9.87
CA ILE A 4 12.56 -31.64 10.59
C ILE A 4 11.39 -31.33 9.64
N ALA A 5 10.27 -31.98 9.92
CA ALA A 5 9.08 -31.80 9.11
C ALA A 5 7.95 -31.16 9.90
N SER A 6 7.21 -30.30 9.22
CA SER A 6 6.06 -29.65 9.83
C SER A 6 4.86 -30.04 9.00
N ILE A 7 3.75 -30.30 9.68
CA ILE A 7 2.51 -30.65 9.02
C ILE A 7 1.38 -29.80 9.57
N GLY A 8 0.68 -29.11 8.68
CA GLY A 8 -0.43 -28.27 9.09
C GLY A 8 -0.85 -27.17 8.11
N GLU A 9 -1.49 -26.15 8.64
CA GLU A 9 -2.00 -25.05 7.86
C GLU A 9 -0.92 -24.22 7.15
N LEU A 10 -1.23 -23.86 5.90
CA LEU A 10 -0.37 -23.04 5.05
C LEU A 10 -1.41 -22.19 4.35
N LEU A 11 -1.30 -20.87 4.49
CA LEU A 11 -2.30 -19.98 3.94
C LEU A 11 -1.78 -18.57 3.63
N ILE A 12 -2.66 -17.75 3.05
CA ILE A 12 -2.35 -16.38 2.71
C ILE A 12 -2.88 -15.47 3.83
N ASP A 13 -2.00 -14.68 4.43
CA ASP A 13 -2.41 -13.72 5.44
C ASP A 13 -2.65 -12.40 4.68
N LEU A 14 -3.83 -11.83 4.83
CA LEU A 14 -4.14 -10.54 4.20
C LEU A 14 -4.08 -9.60 5.40
N ILE A 15 -2.93 -8.95 5.54
CA ILE A 15 -2.64 -8.08 6.65
C ILE A 15 -3.07 -6.63 6.45
N SER A 16 -3.94 -6.15 7.33
CA SER A 16 -4.42 -4.76 7.27
C SER A 16 -3.20 -3.85 7.32
N VAL A 17 -3.05 -2.96 6.35
CA VAL A 17 -1.91 -2.05 6.34
C VAL A 17 -2.12 -0.88 7.30
N GLU A 18 -3.37 -0.62 7.64
CA GLU A 18 -3.69 0.47 8.55
C GLU A 18 -4.46 -0.03 9.77
N GLU A 19 -4.55 0.83 10.78
CA GLU A 19 -5.26 0.50 12.01
C GLU A 19 -6.76 0.53 11.76
N GLY A 20 -7.53 -0.04 12.69
CA GLY A 20 -8.97 -0.04 12.55
C GLY A 20 -9.57 -1.43 12.48
N ASP A 21 -10.88 -1.49 12.71
CA ASP A 21 -11.60 -2.75 12.63
C ASP A 21 -11.49 -3.23 11.17
N LEU A 22 -11.55 -4.55 10.97
CA LEU A 22 -11.47 -5.10 9.63
C LEU A 22 -12.57 -4.53 8.75
N LYS A 23 -13.70 -4.18 9.36
CA LYS A 23 -14.81 -3.60 8.61
C LYS A 23 -14.38 -2.35 7.84
N ASP A 24 -13.54 -1.53 8.47
CA ASP A 24 -13.11 -0.28 7.84
C ASP A 24 -11.77 -0.29 7.13
N VAL A 25 -10.94 -1.31 7.38
CA VAL A 25 -9.63 -1.39 6.73
C VAL A 25 -9.78 -1.36 5.22
N ARG A 26 -8.99 -0.51 4.57
CA ARG A 26 -9.04 -0.36 3.12
C ARG A 26 -8.01 -1.15 2.33
N LEU A 27 -6.80 -1.25 2.88
CA LEU A 27 -5.71 -1.96 2.20
C LEU A 27 -5.21 -3.18 2.95
N PHE A 28 -4.90 -4.21 2.18
CA PHE A 28 -4.39 -5.46 2.72
C PHE A 28 -3.15 -5.87 1.92
N GLU A 29 -2.14 -6.31 2.65
CA GLU A 29 -0.89 -6.74 2.06
C GLU A 29 -0.83 -8.27 2.23
N LYS A 30 -0.60 -9.00 1.16
CA LYS A 30 -0.57 -10.45 1.25
C LYS A 30 0.82 -11.02 1.55
N HIS A 31 0.86 -11.98 2.48
CA HIS A 31 2.10 -12.64 2.89
C HIS A 31 1.81 -14.09 3.22
N PRO A 32 2.87 -14.93 3.26
CA PRO A 32 2.68 -16.35 3.57
C PRO A 32 2.42 -16.49 5.08
N GLY A 33 1.50 -17.38 5.45
CA GLY A 33 1.20 -17.56 6.86
C GLY A 33 0.91 -19.01 7.24
N GLY A 34 0.70 -19.25 8.52
CA GLY A 34 0.44 -20.60 9.01
C GLY A 34 1.57 -21.03 9.91
N ALA A 35 1.28 -21.20 11.20
CA ALA A 35 2.30 -21.58 12.17
C ALA A 35 3.30 -22.64 11.70
N PRO A 36 2.80 -23.81 11.26
CA PRO A 36 3.69 -24.88 10.79
C PRO A 36 4.60 -24.39 9.66
N ALA A 37 4.05 -23.58 8.76
CA ALA A 37 4.82 -23.04 7.65
C ALA A 37 5.85 -22.06 8.20
N ASN A 38 5.42 -21.22 9.14
CA ASN A 38 6.32 -20.25 9.75
C ASN A 38 7.48 -20.95 10.47
N VAL A 39 7.19 -22.05 11.16
CA VAL A 39 8.23 -22.81 11.85
C VAL A 39 9.17 -23.49 10.86
N ALA A 40 8.61 -24.02 9.77
CA ALA A 40 9.43 -24.69 8.76
C ALA A 40 10.46 -23.70 8.19
N VAL A 41 10.03 -22.46 7.95
CA VAL A 41 10.92 -21.44 7.43
C VAL A 41 11.99 -21.13 8.49
N GLY A 42 11.56 -20.98 9.74
CA GLY A 42 12.50 -20.68 10.81
C GLY A 42 13.57 -21.76 10.94
N VAL A 43 13.16 -23.03 10.82
CA VAL A 43 14.06 -24.17 10.92
C VAL A 43 15.08 -24.11 9.77
N SER A 44 14.57 -23.88 8.57
CA SER A 44 15.41 -23.79 7.39
C SER A 44 16.46 -22.67 7.54
N ARG A 45 16.03 -21.52 8.04
CA ARG A 45 16.93 -20.37 8.22
C ARG A 45 18.05 -20.64 9.22
N LEU A 46 17.77 -21.49 10.20
CA LEU A 46 18.77 -21.83 11.20
C LEU A 46 19.76 -22.88 10.68
N GLY A 47 19.61 -23.27 9.41
CA GLY A 47 20.54 -24.23 8.83
C GLY A 47 20.17 -25.71 8.86
N VAL A 48 18.95 -26.03 9.24
CA VAL A 48 18.51 -27.43 9.27
C VAL A 48 17.50 -27.67 8.15
N LYS A 49 17.68 -28.76 7.41
CA LYS A 49 16.75 -29.05 6.32
C LYS A 49 15.35 -29.30 6.88
N SER A 50 14.37 -28.62 6.32
CA SER A 50 12.99 -28.79 6.79
C SER A 50 12.01 -28.96 5.66
N SER A 51 10.94 -29.67 5.96
CA SER A 51 9.88 -29.96 4.99
C SER A 51 8.53 -29.55 5.55
N LEU A 52 7.62 -29.23 4.64
CA LEU A 52 6.28 -28.87 5.05
C LEU A 52 5.28 -29.77 4.33
N ILE A 53 4.39 -30.37 5.10
CA ILE A 53 3.35 -31.21 4.54
C ILE A 53 2.10 -30.40 4.72
N SER A 54 1.46 -30.06 3.61
CA SER A 54 0.26 -29.26 3.68
C SER A 54 -0.50 -29.36 2.38
N LYS A 55 -1.50 -28.52 2.19
CA LYS A 55 -2.30 -28.57 0.98
C LYS A 55 -2.80 -27.19 0.65
N VAL A 56 -2.59 -26.78 -0.60
CA VAL A 56 -3.06 -25.48 -1.06
C VAL A 56 -3.94 -25.75 -2.28
N GLY A 57 -4.59 -24.72 -2.79
CA GLY A 57 -5.43 -24.90 -3.96
C GLY A 57 -4.62 -24.80 -5.23
N ASN A 58 -5.19 -25.29 -6.33
CA ASN A 58 -4.54 -25.20 -7.61
C ASN A 58 -4.91 -23.81 -8.13
N ASP A 59 -4.32 -22.78 -7.53
CA ASP A 59 -4.60 -21.41 -7.91
C ASP A 59 -3.37 -20.53 -7.74
N PRO A 60 -3.48 -19.24 -8.11
CA PRO A 60 -2.32 -18.33 -7.99
C PRO A 60 -1.75 -18.23 -6.57
N PHE A 61 -2.63 -18.23 -5.57
CA PHE A 61 -2.19 -18.11 -4.18
C PHE A 61 -1.47 -19.37 -3.71
N GLY A 62 -1.89 -20.52 -4.23
CA GLY A 62 -1.23 -21.75 -3.87
C GLY A 62 0.18 -21.72 -4.42
N GLU A 63 0.33 -21.28 -5.67
CA GLU A 63 1.64 -21.20 -6.34
C GLU A 63 2.56 -20.21 -5.63
N TYR A 64 1.98 -19.11 -5.17
CA TYR A 64 2.71 -18.09 -4.45
C TYR A 64 3.34 -18.71 -3.20
N LEU A 65 2.52 -19.35 -2.39
CA LEU A 65 3.00 -19.98 -1.16
C LEU A 65 4.13 -20.99 -1.37
N ILE A 66 3.97 -21.86 -2.36
CA ILE A 66 4.98 -22.86 -2.67
C ILE A 66 6.27 -22.16 -3.09
N GLU A 67 6.15 -21.09 -3.87
CA GLU A 67 7.34 -20.38 -4.31
C GLU A 67 8.06 -19.69 -3.15
N GLU A 68 7.31 -19.02 -2.26
CA GLU A 68 7.92 -18.35 -1.14
C GLU A 68 8.65 -19.35 -0.24
N LEU A 69 8.02 -20.51 -0.02
CA LEU A 69 8.66 -21.54 0.80
C LEU A 69 9.94 -22.04 0.10
N SER A 70 9.90 -22.21 -1.22
CA SER A 70 11.09 -22.69 -1.93
C SER A 70 12.26 -21.71 -1.84
N LYS A 71 11.98 -20.42 -1.91
CA LYS A 71 13.04 -19.42 -1.80
C LYS A 71 13.72 -19.55 -0.43
N GLU A 72 12.98 -20.06 0.56
CA GLU A 72 13.53 -20.23 1.90
C GLU A 72 14.17 -21.61 2.07
N ASN A 73 14.29 -22.33 0.95
CA ASN A 73 14.87 -23.68 0.92
C ASN A 73 14.07 -24.74 1.69
N VAL A 74 12.79 -24.47 1.92
CA VAL A 74 11.93 -25.43 2.60
C VAL A 74 11.52 -26.46 1.54
N ASP A 75 11.61 -27.74 1.87
CA ASP A 75 11.22 -28.80 0.94
C ASP A 75 9.70 -28.73 0.76
N THR A 76 9.23 -28.52 -0.47
CA THR A 76 7.81 -28.39 -0.73
C THR A 76 7.14 -29.59 -1.42
N ARG A 77 7.89 -30.67 -1.61
CA ARG A 77 7.31 -31.85 -2.26
C ARG A 77 6.07 -32.37 -1.54
N GLY A 78 5.99 -32.14 -0.25
CA GLY A 78 4.85 -32.60 0.53
C GLY A 78 3.67 -31.67 0.55
N ILE A 79 3.71 -30.63 -0.28
CA ILE A 79 2.60 -29.70 -0.35
C ILE A 79 1.81 -30.09 -1.60
N VAL A 80 0.58 -30.51 -1.38
CA VAL A 80 -0.31 -30.96 -2.45
C VAL A 80 -1.28 -29.86 -2.92
N LYS A 81 -1.73 -29.96 -4.17
CA LYS A 81 -2.69 -28.98 -4.69
C LYS A 81 -4.06 -29.62 -4.75
N ASP A 82 -5.04 -28.92 -4.17
CA ASP A 82 -6.41 -29.39 -4.15
C ASP A 82 -7.08 -28.91 -5.43
N GLU A 83 -7.67 -29.83 -6.20
CA GLU A 83 -8.32 -29.44 -7.45
C GLU A 83 -9.68 -28.79 -7.24
N LYS A 84 -10.21 -28.90 -6.04
CA LYS A 84 -11.51 -28.33 -5.73
C LYS A 84 -11.39 -27.10 -4.84
N LYS A 85 -10.96 -27.33 -3.60
CA LYS A 85 -10.81 -26.28 -2.61
C LYS A 85 -9.71 -25.25 -2.91
N HIS A 86 -9.99 -23.99 -2.61
CA HIS A 86 -9.03 -22.92 -2.84
C HIS A 86 -8.05 -22.77 -1.69
N THR A 87 -6.94 -22.11 -1.97
CA THR A 87 -5.88 -21.87 -1.00
C THR A 87 -6.42 -21.18 0.26
N GLY A 88 -5.93 -21.59 1.43
CA GLY A 88 -6.39 -20.96 2.66
C GLY A 88 -6.08 -19.46 2.71
N ILE A 89 -6.96 -18.71 3.35
CA ILE A 89 -6.81 -17.26 3.49
C ILE A 89 -7.33 -16.75 4.84
N VAL A 90 -6.71 -15.70 5.36
CA VAL A 90 -7.17 -15.10 6.60
C VAL A 90 -6.88 -13.61 6.54
N PHE A 91 -7.92 -12.83 6.81
CA PHE A 91 -7.80 -11.39 6.84
C PHE A 91 -7.44 -11.08 8.29
N VAL A 92 -6.38 -10.32 8.51
CA VAL A 92 -5.97 -10.02 9.87
C VAL A 92 -5.67 -8.56 10.17
N GLN A 93 -6.02 -8.16 11.38
CA GLN A 93 -5.72 -6.83 11.88
C GLN A 93 -4.84 -7.16 13.07
N LEU A 94 -3.54 -6.93 12.91
CA LEU A 94 -2.57 -7.22 13.96
C LEU A 94 -2.43 -6.05 14.94
N LYS A 95 -2.85 -4.87 14.49
CA LYS A 95 -2.73 -3.65 15.30
C LYS A 95 -3.82 -3.42 16.33
N GLY A 96 -3.55 -2.46 17.21
CA GLY A 96 -4.50 -2.12 18.24
C GLY A 96 -4.34 -3.00 19.47
N ALA A 97 -5.21 -2.81 20.44
CA ALA A 97 -5.16 -3.59 21.68
C ALA A 97 -6.01 -4.85 21.53
N SER A 98 -6.93 -4.82 20.57
CA SER A 98 -7.82 -5.94 20.32
C SER A 98 -7.64 -6.56 18.93
N PRO A 99 -6.48 -7.17 18.66
CA PRO A 99 -6.19 -7.81 17.37
C PRO A 99 -7.35 -8.71 16.93
N SER A 100 -7.62 -8.76 15.63
CA SER A 100 -8.72 -9.59 15.15
C SER A 100 -8.41 -10.24 13.80
N PHE A 101 -9.25 -11.20 13.42
CA PHE A 101 -9.06 -11.86 12.15
C PHE A 101 -10.34 -12.48 11.64
N LEU A 102 -10.36 -12.77 10.35
CA LEU A 102 -11.50 -13.38 9.70
C LEU A 102 -10.89 -14.51 8.87
N LEU A 103 -11.05 -15.73 9.35
CA LEU A 103 -10.50 -16.90 8.66
C LEU A 103 -11.55 -17.67 7.86
N TYR A 104 -11.24 -17.98 6.60
CA TYR A 104 -12.15 -18.74 5.76
C TYR A 104 -11.81 -20.21 5.93
N ASP A 105 -12.77 -20.99 6.40
CA ASP A 105 -12.51 -22.40 6.70
C ASP A 105 -12.70 -23.50 5.65
N ASP A 106 -13.50 -23.29 4.63
CA ASP A 106 -13.64 -24.35 3.64
C ASP A 106 -12.55 -24.09 2.60
N VAL A 107 -11.32 -24.48 2.94
CA VAL A 107 -10.17 -24.27 2.08
C VAL A 107 -9.26 -25.50 2.05
N ALA A 108 -8.30 -25.49 1.15
CA ALA A 108 -7.40 -26.61 0.95
C ALA A 108 -6.70 -27.29 2.13
N TYR A 109 -6.09 -26.51 3.03
CA TYR A 109 -5.37 -27.14 4.14
C TYR A 109 -6.25 -27.92 5.12
N PHE A 110 -7.54 -27.63 5.13
CA PHE A 110 -8.49 -28.33 6.00
C PHE A 110 -9.05 -29.58 5.29
N ASN A 111 -8.70 -29.76 4.02
CA ASN A 111 -9.19 -30.89 3.23
C ASN A 111 -8.17 -32.01 2.96
N THR A 113 -6.33 -35.62 3.18
CA THR A 113 -6.66 -37.03 3.37
C THR A 113 -5.34 -37.80 3.46
N LEU A 114 -5.40 -39.07 3.83
CA LEU A 114 -4.19 -39.88 3.92
C LEU A 114 -3.48 -39.99 2.58
N ASN A 115 -4.23 -39.98 1.49
CA ASN A 115 -3.64 -40.05 0.14
C ASN A 115 -2.80 -38.80 -0.15
N ASP A 116 -2.99 -37.75 0.65
CA ASP A 116 -2.24 -36.52 0.44
C ASP A 116 -0.92 -36.51 1.22
N ILE A 117 -0.72 -37.53 2.05
CA ILE A 117 0.47 -37.62 2.88
C ILE A 117 1.69 -38.28 2.22
N ASN A 118 2.74 -37.49 2.00
CA ASN A 118 3.96 -38.02 1.43
C ASN A 118 4.72 -38.70 2.56
N TRP A 119 4.63 -40.02 2.62
CA TRP A 119 5.31 -40.77 3.68
C TRP A 119 6.82 -40.75 3.66
N ASP A 120 7.43 -40.54 2.49
CA ASP A 120 8.89 -40.49 2.42
C ASP A 120 9.40 -39.31 3.25
N ILE A 121 8.82 -38.14 3.04
CA ILE A 121 9.23 -36.96 3.78
C ILE A 121 9.04 -37.24 5.25
N VAL A 122 7.97 -37.97 5.57
CA VAL A 122 7.69 -38.33 6.95
C VAL A 122 8.66 -39.41 7.43
N GLU A 123 9.26 -40.15 6.50
CA GLU A 123 10.20 -41.22 6.84
C GLU A 123 11.54 -40.63 7.30
N GLU A 124 11.94 -39.54 6.65
CA GLU A 124 13.19 -38.87 6.97
C GLU A 124 13.20 -38.16 8.32
N ALA A 125 12.18 -37.36 8.60
CA ALA A 125 12.09 -36.57 9.83
C ALA A 125 12.45 -37.24 11.15
N LYS A 126 13.26 -36.52 11.92
CA LYS A 126 13.69 -36.96 13.24
C LYS A 126 12.76 -36.25 14.24
N ILE A 127 12.14 -35.18 13.77
CA ILE A 127 11.20 -34.43 14.57
C ILE A 127 10.03 -34.03 13.67
N VAL A 128 8.80 -34.25 14.14
CA VAL A 128 7.63 -33.87 13.35
C VAL A 128 6.80 -32.90 14.17
N ASN A 129 6.61 -31.71 13.61
CA ASN A 129 5.90 -30.62 14.25
C ASN A 129 4.49 -30.42 13.64
N PHE A 130 3.46 -30.38 14.49
CA PHE A 130 2.12 -30.15 13.97
C PHE A 130 1.35 -29.14 14.80
N GLY A 131 0.43 -28.43 14.13
CA GLY A 131 -0.37 -27.42 14.81
C GLY A 131 -1.75 -27.86 15.28
N SER A 132 -2.40 -27.07 16.15
CA SER A 132 -3.73 -27.44 16.62
C SER A 132 -4.78 -26.83 15.69
N VAL A 133 -4.44 -25.73 15.03
CA VAL A 133 -5.37 -25.08 14.11
C VAL A 133 -5.84 -26.01 13.00
N ILE A 134 -4.90 -26.79 12.45
CA ILE A 134 -5.24 -27.72 11.39
C ILE A 134 -6.25 -28.75 11.88
N LEU A 135 -6.25 -29.02 13.19
CA LEU A 135 -7.16 -29.97 13.79
C LEU A 135 -8.59 -29.44 13.88
N ALA A 136 -8.76 -28.14 13.67
CA ALA A 136 -10.08 -27.52 13.76
C ALA A 136 -11.15 -28.08 12.83
N ARG A 137 -10.75 -28.68 11.71
CA ARG A 137 -11.74 -29.24 10.78
C ARG A 137 -11.30 -30.58 10.19
N ASN A 138 -12.29 -31.38 9.81
CA ASN A 138 -12.04 -32.65 9.15
C ASN A 138 -12.15 -32.30 7.67
N PRO A 139 -11.61 -33.13 6.78
CA PRO A 139 -10.90 -34.38 7.08
C PRO A 139 -9.49 -34.23 7.65
N SER A 140 -8.90 -33.03 7.54
CA SER A 140 -7.55 -32.82 8.03
C SER A 140 -7.27 -33.27 9.47
N ARG A 141 -8.21 -33.02 10.38
CA ARG A 141 -8.01 -33.41 11.77
C ARG A 141 -7.70 -34.90 11.91
N GLU A 142 -8.56 -35.74 11.36
CA GLU A 142 -8.37 -37.17 11.43
C GLU A 142 -7.13 -37.61 10.68
N THR A 143 -6.88 -36.97 9.53
CA THR A 143 -5.70 -37.32 8.74
C THR A 143 -4.45 -37.03 9.55
N VAL A 144 -4.38 -35.86 10.19
CA VAL A 144 -3.21 -35.51 10.99
C VAL A 144 -3.09 -36.40 12.22
N LYS A 146 -4.12 -39.43 12.69
CA LYS A 146 -3.71 -40.77 12.29
C LYS A 146 -2.22 -40.80 11.99
N VAL A 147 -1.74 -39.82 11.22
CA VAL A 147 -0.32 -39.74 10.86
C VAL A 147 0.59 -39.68 12.08
N ILE A 148 0.29 -38.76 13.00
CA ILE A 148 1.09 -38.60 14.21
C ILE A 148 1.05 -39.86 15.08
N LYS A 149 -0.12 -40.52 15.11
CA LYS A 149 -0.26 -41.74 15.89
C LYS A 149 0.69 -42.79 15.32
N LYS A 150 0.69 -42.97 14.00
CA LYS A 150 1.57 -43.95 13.37
C LYS A 150 3.06 -43.67 13.60
N ILE A 151 3.49 -42.42 13.40
CA ILE A 151 4.90 -42.08 13.57
C ILE A 151 5.40 -42.08 15.01
N LYS A 152 4.47 -41.97 15.95
CA LYS A 152 4.80 -41.96 17.38
C LYS A 152 5.77 -43.10 17.68
N GLY A 153 6.91 -42.74 18.26
CA GLY A 153 7.92 -43.74 18.60
C GLY A 153 9.02 -43.87 17.57
N SER A 154 8.84 -43.22 16.42
CA SER A 154 9.86 -43.29 15.37
C SER A 154 10.50 -41.93 15.17
N SER A 155 9.73 -40.88 15.45
CA SER A 155 10.19 -39.52 15.33
C SER A 155 9.70 -38.78 16.56
N LEU A 156 10.44 -37.77 17.00
CA LEU A 156 9.99 -37.00 18.15
C LEU A 156 8.80 -36.19 17.65
N ILE A 157 7.77 -36.06 18.48
CA ILE A 157 6.59 -35.32 18.10
C ILE A 157 6.54 -33.99 18.83
N ALA A 158 6.36 -32.90 18.08
CA ALA A 158 6.29 -31.57 18.70
C ALA A 158 4.92 -30.94 18.43
N PHE A 159 4.32 -30.40 19.48
CA PHE A 159 3.00 -29.79 19.36
C PHE A 159 2.91 -28.42 20.01
N ASP A 160 2.53 -27.42 19.21
CA ASP A 160 2.33 -26.05 19.72
C ASP A 160 0.82 -25.92 19.92
N VAL A 161 0.37 -25.86 21.16
CA VAL A 161 -1.06 -25.76 21.45
C VAL A 161 -1.78 -24.72 20.58
N ASN A 162 -1.14 -23.57 20.37
CA ASN A 162 -1.67 -22.48 19.54
C ASN A 162 -3.21 -22.43 19.54
N LEU A 163 -3.79 -22.15 20.69
CA LEU A 163 -5.24 -22.11 20.85
C LEU A 163 -5.95 -20.97 20.14
N ARG A 164 -6.95 -21.31 19.34
CA ARG A 164 -7.78 -20.33 18.63
C ARG A 164 -9.23 -20.74 18.80
N LEU A 165 -9.80 -20.34 19.93
CA LEU A 165 -11.18 -20.67 20.27
C LEU A 165 -12.22 -20.40 19.18
N ASP A 166 -12.09 -19.28 18.48
CA ASP A 166 -13.05 -18.96 17.41
C ASP A 166 -13.16 -20.08 16.39
N LEU A 167 -12.12 -20.90 16.28
CA LEU A 167 -12.13 -22.00 15.32
C LEU A 167 -12.90 -23.23 15.79
N TRP A 168 -13.30 -23.22 17.06
CA TRP A 168 -14.02 -24.36 17.61
C TRP A 168 -15.40 -24.05 18.17
N ARG A 169 -15.99 -22.92 17.80
CA ARG A 169 -17.31 -22.61 18.34
C ARG A 169 -18.31 -23.70 17.97
N GLY A 170 -19.05 -24.18 18.96
CA GLY A 170 -20.02 -25.23 18.71
C GLY A 170 -19.44 -26.62 18.83
N GLN A 171 -18.11 -26.71 18.97
CA GLN A 171 -17.48 -28.01 19.11
C GLN A 171 -16.35 -27.95 20.14
N GLU A 172 -16.56 -27.16 21.18
CA GLU A 172 -15.55 -26.99 22.23
C GLU A 172 -15.25 -28.26 23.01
N GLU A 173 -16.25 -29.12 23.20
CA GLU A 173 -16.01 -30.36 23.92
C GLU A 173 -15.03 -31.19 23.11
N GLU A 174 -15.26 -31.25 21.79
CA GLU A 174 -14.39 -32.01 20.90
C GLU A 174 -13.00 -31.38 20.93
N ILE A 176 -11.46 -29.87 23.36
CA ILE A 176 -10.77 -30.33 24.56
C ILE A 176 -10.24 -31.75 24.37
N LYS A 177 -11.03 -32.61 23.73
CA LYS A 177 -10.61 -33.99 23.50
C LYS A 177 -9.43 -34.08 22.54
N VAL A 178 -9.52 -33.39 21.40
CA VAL A 178 -8.43 -33.46 20.43
C VAL A 178 -7.14 -32.86 20.97
N LEU A 179 -7.24 -31.74 21.68
CA LEU A 179 -6.05 -31.10 22.24
C LEU A 179 -5.36 -32.04 23.22
N GLU A 180 -6.15 -32.65 24.09
CA GLU A 180 -5.61 -33.56 25.07
C GLU A 180 -4.96 -34.76 24.37
N GLU A 181 -5.61 -35.29 23.34
CA GLU A 181 -5.05 -36.42 22.59
C GLU A 181 -3.71 -36.04 21.95
N SER A 182 -3.68 -34.84 21.37
CA SER A 182 -2.49 -34.32 20.72
C SER A 182 -1.33 -34.13 21.71
N ILE A 183 -1.64 -33.63 22.90
CA ILE A 183 -0.63 -33.41 23.91
C ILE A 183 -0.05 -34.74 24.40
N LYS A 184 -0.91 -35.73 24.61
CA LYS A 184 -0.46 -37.03 25.07
C LYS A 184 0.35 -37.74 24.00
N LEU A 185 0.19 -37.32 22.75
CA LEU A 185 0.94 -37.92 21.66
C LEU A 185 2.31 -37.25 21.46
N ALA A 186 2.49 -36.07 22.05
CA ALA A 186 3.72 -35.32 21.87
C ALA A 186 4.85 -35.47 22.87
N ASP A 187 6.06 -35.50 22.35
CA ASP A 187 7.24 -35.57 23.17
C ASP A 187 7.54 -34.12 23.59
N ILE A 188 7.27 -33.20 22.68
CA ILE A 188 7.55 -31.79 22.91
C ILE A 188 6.29 -30.91 22.79
N VAL A 189 5.95 -30.21 23.87
CA VAL A 189 4.78 -29.35 23.86
C VAL A 189 5.13 -27.89 24.14
N LYS A 190 4.53 -26.98 23.37
CA LYS A 190 4.74 -25.55 23.55
C LYS A 190 3.38 -24.92 23.83
N ALA A 191 3.34 -23.97 24.76
CA ALA A 191 2.09 -23.31 25.08
C ALA A 191 2.32 -22.07 25.90
N SER A 192 1.40 -21.12 25.79
CA SER A 192 1.49 -19.89 26.55
C SER A 192 0.92 -20.20 27.94
N GLU A 193 1.31 -19.41 28.93
CA GLU A 193 0.81 -19.63 30.29
C GLU A 193 -0.71 -19.58 30.25
N GLU A 194 -1.23 -18.65 29.45
CA GLU A 194 -2.66 -18.47 29.32
C GLU A 194 -3.32 -19.76 28.81
N GLU A 195 -2.68 -20.44 27.87
CA GLU A 195 -3.23 -21.68 27.32
C GLU A 195 -3.14 -22.80 28.36
N VAL A 196 -2.05 -22.80 29.13
CA VAL A 196 -1.86 -23.81 30.16
C VAL A 196 -2.96 -23.70 31.21
N LEU A 197 -3.30 -22.47 31.59
CA LEU A 197 -4.34 -22.27 32.60
C LEU A 197 -5.73 -22.60 32.06
N TYR A 198 -6.00 -22.25 30.81
CA TYR A 198 -7.30 -22.53 30.22
C TYR A 198 -7.55 -24.04 30.17
N LEU A 199 -6.54 -24.79 29.74
CA LEU A 199 -6.69 -26.24 29.63
C LEU A 199 -6.68 -26.97 30.96
N GLU A 200 -5.86 -26.52 31.92
CA GLU A 200 -5.82 -27.17 33.23
C GLU A 200 -7.20 -27.03 33.83
N ASN A 201 -7.77 -25.83 33.66
CA ASN A 201 -9.09 -25.54 34.18
C ASN A 201 -10.12 -26.45 33.51
N GLN A 202 -9.74 -27.01 32.36
CA GLN A 202 -10.60 -27.91 31.61
C GLN A 202 -10.29 -29.33 32.02
N GLY A 203 -9.31 -29.48 32.91
CA GLY A 203 -8.93 -30.80 33.37
C GLY A 203 -7.86 -31.46 32.52
N VAL A 204 -7.24 -30.68 31.64
CA VAL A 204 -6.20 -31.21 30.76
C VAL A 204 -4.81 -30.72 31.19
N GLU A 205 -3.88 -31.65 31.34
CA GLU A 205 -2.53 -31.32 31.74
C GLU A 205 -1.67 -30.99 30.50
N VAL A 206 -1.09 -29.80 30.48
CA VAL A 206 -0.26 -29.39 29.34
C VAL A 206 1.21 -29.68 29.60
N LYS A 207 1.67 -30.83 29.11
CA LYS A 207 3.05 -31.25 29.29
C LYS A 207 3.46 -32.32 28.30
N GLY A 208 4.64 -32.14 27.71
CA GLY A 208 5.15 -33.11 26.77
C GLY A 208 5.86 -34.21 27.54
N SER A 209 5.94 -35.41 26.97
CA SER A 209 6.59 -36.51 27.64
C SER A 209 8.08 -36.27 27.86
N LEU A 211 9.75 -32.82 26.86
CA LEU A 211 9.99 -31.41 27.19
C LEU A 211 8.77 -30.53 26.99
N THR A 212 8.60 -29.58 27.90
CA THR A 212 7.49 -28.65 27.84
C THR A 212 8.07 -27.24 27.90
N ALA A 213 7.55 -26.34 27.07
CA ALA A 213 8.01 -24.97 27.04
C ALA A 213 6.80 -24.09 27.24
N ILE A 214 6.76 -23.39 28.36
CA ILE A 214 5.63 -22.51 28.63
C ILE A 214 6.10 -21.07 28.41
N THR A 215 5.46 -20.36 27.51
CA THR A 215 5.85 -18.98 27.23
C THR A 215 5.11 -17.99 28.11
N LEU A 216 5.82 -16.95 28.52
CA LEU A 216 5.26 -15.92 29.39
C LEU A 216 5.28 -14.59 28.66
N GLY A 217 5.26 -14.67 27.33
CA GLY A 217 5.28 -13.46 26.52
C GLY A 217 6.59 -12.70 26.59
N PRO A 218 6.51 -11.37 26.73
CA PRO A 218 7.71 -10.54 26.81
C PRO A 218 8.56 -10.81 28.06
N LYS A 219 8.01 -11.53 29.02
CA LYS A 219 8.73 -11.84 30.24
C LYS A 219 9.63 -13.08 30.10
N GLY A 220 9.61 -13.68 28.92
CA GLY A 220 10.46 -14.84 28.70
C GLY A 220 9.68 -16.15 28.68
N PHE A 221 10.35 -17.25 28.97
CA PHE A 221 9.71 -18.54 28.97
C PHE A 221 10.25 -19.48 30.04
N ARG A 222 9.67 -20.67 30.09
CA ARG A 222 10.05 -21.69 31.07
C ARG A 222 10.20 -23.05 30.40
N LEU A 223 11.31 -23.73 30.66
CA LEU A 223 11.51 -25.05 30.08
C LEU A 223 11.33 -26.07 31.19
N ILE A 224 10.71 -27.20 30.87
CA ILE A 224 10.45 -28.21 31.88
C ILE A 224 10.64 -29.64 31.40
N LYS A 225 11.52 -30.37 32.08
CA LYS A 225 11.74 -31.77 31.76
C LYS A 225 11.53 -32.52 33.08
N ASN A 226 10.59 -33.46 33.08
CA ASN A 226 10.29 -34.21 34.29
C ASN A 226 9.81 -33.20 35.32
N GLU A 227 10.62 -33.00 36.36
CA GLU A 227 10.29 -32.04 37.41
C GLU A 227 11.38 -30.99 37.51
N THR A 228 12.30 -31.02 36.56
CA THR A 228 13.39 -30.07 36.50
C THR A 228 12.94 -28.87 35.68
N VAL A 229 12.80 -27.73 36.35
CA VAL A 229 12.36 -26.50 35.70
C VAL A 229 13.53 -25.53 35.51
N VAL A 230 13.45 -24.75 34.44
CA VAL A 230 14.47 -23.76 34.12
C VAL A 230 13.77 -22.52 33.61
N ASP A 231 13.84 -21.44 34.38
CA ASP A 231 13.20 -20.19 33.98
C ASP A 231 14.20 -19.35 33.20
N VAL A 232 13.75 -18.92 32.02
CA VAL A 232 14.59 -18.12 31.13
C VAL A 232 13.97 -16.75 30.89
N PRO A 233 14.49 -15.73 31.58
CA PRO A 233 13.97 -14.36 31.41
C PRO A 233 14.32 -13.85 30.01
N SER A 234 13.45 -13.03 29.44
CA SER A 234 13.68 -12.49 28.10
C SER A 234 14.94 -11.68 27.96
N TYR A 235 15.54 -11.71 26.78
CA TYR A 235 16.73 -10.92 26.50
C TYR A 235 16.27 -9.48 26.59
N ASN A 236 17.20 -8.58 26.91
CA ASN A 236 16.84 -7.18 27.02
C ASN A 236 16.92 -6.54 25.64
N VAL A 237 15.77 -6.40 24.98
CA VAL A 237 15.73 -5.80 23.65
C VAL A 237 14.53 -4.88 23.50
N ASN A 238 14.59 -4.03 22.48
CA ASN A 238 13.51 -3.12 22.17
C ASN A 238 12.82 -3.74 20.96
N PRO A 239 11.69 -4.44 21.19
CA PRO A 239 10.93 -5.09 20.12
C PRO A 239 10.39 -4.19 19.01
N LEU A 240 10.64 -4.61 17.77
CA LEU A 240 10.17 -3.87 16.61
C LEU A 240 8.84 -4.51 16.15
N ASP A 241 8.80 -5.84 16.15
CA ASP A 241 7.62 -6.60 15.74
C ASP A 241 7.74 -8.00 16.35
N THR A 242 6.77 -8.36 17.20
CA THR A 242 6.78 -9.67 17.86
C THR A 242 5.88 -10.70 17.16
N THR A 243 5.30 -10.30 16.02
CA THR A 243 4.39 -11.16 15.27
C THR A 243 4.93 -12.56 15.01
N GLY A 244 6.22 -12.67 14.65
CA GLY A 244 6.78 -13.97 14.37
C GLY A 244 7.62 -14.60 15.48
N ALA A 245 7.67 -13.95 16.64
CA ALA A 245 8.46 -14.44 17.78
C ALA A 245 8.10 -15.86 18.21
N GLY A 246 6.82 -16.16 18.28
CA GLY A 246 6.40 -17.49 18.70
C GLY A 246 6.91 -18.61 17.83
N ASP A 247 6.78 -18.45 16.51
CA ASP A 247 7.22 -19.49 15.60
C ASP A 247 8.74 -19.52 15.48
N ALA A 248 9.37 -18.37 15.72
CA ALA A 248 10.82 -18.28 15.69
C ALA A 248 11.30 -19.04 16.92
N PHE A 249 10.60 -18.85 18.03
CA PHE A 249 10.95 -19.55 19.25
C PHE A 249 10.83 -21.07 19.06
N ALA A 251 10.93 -22.80 16.29
CA ALA A 251 11.95 -23.28 15.35
C ALA A 251 13.29 -23.50 16.07
N ALA A 252 13.63 -22.56 16.96
CA ALA A 252 14.88 -22.62 17.72
C ALA A 252 14.84 -23.79 18.68
N LEU A 253 13.69 -23.95 19.32
CA LEU A 253 13.53 -25.04 20.28
C LEU A 253 13.77 -26.38 19.60
N LEU A 254 13.15 -26.60 18.44
CA LEU A 254 13.32 -27.87 17.74
C LEU A 254 14.74 -28.07 17.23
N VAL A 255 15.33 -27.04 16.63
CA VAL A 255 16.68 -27.16 16.12
C VAL A 255 17.62 -27.44 17.29
N GLY A 256 17.39 -26.78 18.42
CA GLY A 256 18.22 -26.99 19.59
C GLY A 256 18.18 -28.43 20.07
N ILE A 257 16.97 -28.97 20.15
CA ILE A 257 16.77 -30.35 20.59
C ILE A 257 17.45 -31.33 19.64
N LEU A 258 17.38 -31.03 18.35
CA LEU A 258 17.98 -31.87 17.32
C LEU A 258 19.51 -31.85 17.37
N LYS A 259 20.07 -30.67 17.64
CA LYS A 259 21.53 -30.50 17.67
C LYS A 259 22.22 -30.86 18.98
N LEU A 260 21.72 -30.31 20.09
CA LEU A 260 22.32 -30.55 21.41
C LEU A 260 22.19 -31.99 21.91
N LYS A 261 23.34 -32.64 22.10
CA LYS A 261 23.39 -34.03 22.58
C LYS A 261 22.28 -34.37 23.57
N GLY A 262 22.37 -33.82 24.77
CA GLY A 262 21.35 -34.08 25.76
C GLY A 262 20.36 -32.93 25.81
N LEU A 263 19.47 -32.95 26.79
CA LEU A 263 18.49 -31.88 26.92
C LEU A 263 19.01 -30.81 27.89
N ASP A 264 20.15 -30.22 27.55
CA ASP A 264 20.73 -29.18 28.39
C ASP A 264 19.79 -27.98 28.30
N LEU A 265 18.89 -27.87 29.28
CA LEU A 265 17.93 -26.78 29.29
C LEU A 265 18.57 -25.40 29.27
N LEU A 266 19.72 -25.24 29.92
CA LEU A 266 20.39 -23.94 29.94
C LEU A 266 20.80 -23.53 28.52
N LYS A 267 21.52 -24.41 27.83
CA LYS A 267 21.96 -24.12 26.47
C LYS A 267 20.72 -23.89 25.59
N LEU A 268 19.78 -24.83 25.67
CA LEU A 268 18.55 -24.74 24.89
C LEU A 268 17.82 -23.44 25.19
N GLY A 269 17.72 -23.09 26.46
CA GLY A 269 17.04 -21.87 26.83
C GLY A 269 17.72 -20.63 26.27
N LYS A 270 19.04 -20.62 26.30
CA LYS A 270 19.79 -19.47 25.80
C LYS A 270 19.66 -19.34 24.29
N PHE A 271 19.79 -20.45 23.59
CA PHE A 271 19.68 -20.43 22.14
C PHE A 271 18.29 -19.96 21.70
N ALA A 272 17.25 -20.54 22.30
CA ALA A 272 15.88 -20.17 21.96
C ALA A 272 15.61 -18.70 22.27
N ASN A 273 16.06 -18.27 23.44
CA ASN A 273 15.88 -16.88 23.86
C ASN A 273 16.54 -15.92 22.86
N LEU A 274 17.77 -16.23 22.46
CA LEU A 274 18.50 -15.41 21.49
C LEU A 274 17.73 -15.31 20.17
N VAL A 275 17.29 -16.45 19.64
CA VAL A 275 16.57 -16.46 18.37
C VAL A 275 15.25 -15.68 18.47
N ALA A 276 14.54 -15.85 19.57
CA ALA A 276 13.27 -15.15 19.76
C ALA A 276 13.48 -13.64 19.85
N ALA A 277 14.42 -13.22 20.70
CA ALA A 277 14.71 -11.79 20.88
C ALA A 277 15.08 -11.14 19.56
N LEU A 278 16.02 -11.72 18.83
CA LEU A 278 16.43 -11.14 17.55
C LEU A 278 15.31 -11.12 16.51
N SER A 279 14.40 -12.10 16.57
CA SER A 279 13.30 -12.13 15.61
C SER A 279 12.40 -10.92 15.79
N THR A 280 12.36 -10.37 17.01
CA THR A 280 11.52 -9.19 17.27
C THR A 280 12.01 -7.96 16.50
N GLN A 281 13.19 -8.07 15.90
CA GLN A 281 13.77 -6.99 15.12
C GLN A 281 13.38 -7.05 13.64
N LYS A 282 12.67 -8.10 13.25
CA LYS A 282 12.24 -8.29 11.85
C LYS A 282 10.72 -8.24 11.77
N ARG A 283 10.18 -7.79 10.64
CA ARG A 283 8.73 -7.72 10.52
C ARG A 283 8.09 -8.95 9.89
N GLY A 284 6.82 -9.19 10.21
CA GLY A 284 6.10 -10.30 9.62
C GLY A 284 6.15 -11.63 10.33
N ALA A 285 5.41 -12.59 9.77
CA ALA A 285 5.30 -13.93 10.32
C ALA A 285 6.60 -14.73 10.18
N TRP A 286 7.47 -14.34 9.27
CA TRP A 286 8.73 -15.07 9.07
C TRP A 286 9.88 -14.20 9.55
N SER A 287 10.05 -14.10 10.87
CA SER A 287 11.08 -13.24 11.43
C SER A 287 12.27 -13.95 12.04
N THR A 288 12.39 -15.24 11.81
CA THR A 288 13.50 -15.97 12.38
C THR A 288 14.83 -15.51 11.75
N PRO A 289 15.84 -15.22 12.58
CA PRO A 289 17.11 -14.78 12.01
C PRO A 289 17.84 -15.95 11.31
N ARG A 290 18.61 -15.63 10.29
CA ARG A 290 19.34 -16.66 9.57
C ARG A 290 20.58 -17.07 10.35
N LYS A 291 21.08 -18.26 10.02
CA LYS A 291 22.28 -18.82 10.65
C LYS A 291 23.46 -17.85 10.54
N ASP A 292 23.66 -17.29 9.34
CA ASP A 292 24.75 -16.36 9.10
C ASP A 292 24.76 -15.17 10.08
N GLU A 293 23.58 -14.76 10.54
CA GLU A 293 23.45 -13.64 11.48
C GLU A 293 23.64 -14.08 12.93
N LEU A 294 23.77 -15.37 13.17
CA LEU A 294 23.89 -15.88 14.54
C LEU A 294 25.27 -16.34 14.98
N LEU A 295 26.13 -16.70 14.03
CA LEU A 295 27.47 -17.19 14.33
C LEU A 295 28.28 -16.31 15.28
N LYS A 296 28.02 -15.00 15.26
CA LYS A 296 28.73 -14.07 16.12
C LYS A 296 28.24 -14.13 17.57
N TYR A 297 27.43 -15.14 17.89
CA TYR A 297 26.90 -15.30 19.25
C TYR A 297 27.37 -16.64 19.83
N LYS A 298 27.90 -16.62 21.05
CA LYS A 298 28.37 -17.84 21.69
C LYS A 298 27.23 -18.83 21.94
N GLU A 299 26.12 -18.32 22.47
CA GLU A 299 24.95 -19.15 22.77
C GLU A 299 24.43 -19.85 21.52
N ALA A 300 24.76 -19.28 20.36
CA ALA A 300 24.32 -19.85 19.09
C ALA A 300 25.36 -20.74 18.44
N ARG A 301 26.63 -20.43 18.63
CA ARG A 301 27.70 -21.23 18.04
C ARG A 301 27.66 -22.68 18.47
N GLU A 302 27.34 -22.89 19.73
CA GLU A 302 27.25 -24.23 20.29
C GLU A 302 26.21 -25.05 19.52
N VAL A 303 24.95 -24.57 19.55
CA VAL A 303 23.86 -25.26 18.88
C VAL A 303 24.03 -25.35 17.35
N LEU A 304 24.46 -24.26 16.72
CA LEU A 304 24.63 -24.25 15.28
C LEU A 304 25.96 -24.84 14.80
N LEU B 3 37.30 -3.42 2.31
CA LEU B 3 38.22 -3.39 1.17
C LEU B 3 37.62 -2.63 -0.04
N ILE B 4 36.30 -2.53 -0.08
CA ILE B 4 35.63 -1.79 -1.16
C ILE B 4 34.78 -0.66 -0.60
N ALA B 5 34.99 0.52 -1.17
CA ALA B 5 34.30 1.72 -0.73
C ALA B 5 33.58 2.38 -1.89
N SER B 6 32.35 2.79 -1.65
CA SER B 6 31.57 3.49 -2.66
C SER B 6 31.33 4.89 -2.17
N ILE B 7 31.28 5.84 -3.08
CA ILE B 7 31.06 7.23 -2.70
C ILE B 7 30.05 7.81 -3.67
N GLY B 8 29.00 8.43 -3.14
CA GLY B 8 27.99 9.01 -4.00
C GLY B 8 26.64 9.22 -3.34
N GLU B 9 25.61 9.28 -4.17
CA GLU B 9 24.25 9.50 -3.70
C GLU B 9 23.68 8.38 -2.84
N LEU B 10 22.99 8.78 -1.78
CA LEU B 10 22.30 7.87 -0.84
C LEU B 10 21.02 8.64 -0.62
N LEU B 11 19.89 8.03 -0.95
CA LEU B 11 18.62 8.72 -0.84
C LEU B 11 17.44 7.81 -0.60
N ILE B 12 16.28 8.43 -0.45
CA ILE B 12 15.03 7.71 -0.24
C ILE B 12 14.31 7.58 -1.59
N ASP B 13 14.03 6.36 -2.03
CA ASP B 13 13.26 6.20 -3.26
C ASP B 13 11.79 6.07 -2.83
N LEU B 14 10.91 6.89 -3.38
CA LEU B 14 9.49 6.81 -3.10
C LEU B 14 8.95 6.20 -4.40
N ILE B 15 8.68 4.91 -4.36
CA ILE B 15 8.24 4.16 -5.53
C ILE B 15 6.73 4.02 -5.69
N SER B 16 6.22 4.44 -6.84
CA SER B 16 4.80 4.34 -7.14
C SER B 16 4.36 2.90 -7.00
N VAL B 17 3.32 2.66 -6.22
CA VAL B 17 2.83 1.31 -6.03
C VAL B 17 1.92 0.90 -7.17
N GLU B 18 1.58 1.85 -8.04
CA GLU B 18 0.71 1.55 -9.16
C GLU B 18 1.18 2.26 -10.42
N GLU B 19 0.72 1.77 -11.57
CA GLU B 19 1.08 2.35 -12.85
C GLU B 19 0.45 3.72 -13.05
N GLY B 20 1.03 4.49 -13.96
CA GLY B 20 0.50 5.81 -14.26
C GLY B 20 1.51 6.93 -14.13
N ASP B 21 1.13 8.09 -14.63
CA ASP B 21 1.98 9.28 -14.56
C ASP B 21 2.13 9.63 -13.06
N LEU B 22 3.28 10.16 -12.68
CA LEU B 22 3.50 10.55 -11.29
C LEU B 22 2.39 11.47 -10.81
N LYS B 23 1.82 12.26 -11.73
CA LYS B 23 0.75 13.18 -11.40
C LYS B 23 -0.45 12.48 -10.77
N ASP B 24 -0.76 11.28 -11.25
CA ASP B 24 -1.92 10.56 -10.75
C ASP B 24 -1.66 9.43 -9.75
N VAL B 25 -0.41 8.99 -9.65
CA VAL B 25 -0.06 7.93 -8.70
C VAL B 25 -0.50 8.38 -7.32
N ARG B 26 -1.17 7.49 -6.59
CA ARG B 26 -1.68 7.85 -5.26
C ARG B 26 -0.86 7.33 -4.10
N LEU B 27 -0.25 6.16 -4.26
CA LEU B 27 0.53 5.56 -3.19
C LEU B 27 2.00 5.36 -3.52
N PHE B 28 2.84 5.67 -2.54
CA PHE B 28 4.27 5.55 -2.70
C PHE B 28 4.86 4.70 -1.58
N GLU B 29 5.75 3.79 -1.96
CA GLU B 29 6.42 2.92 -1.00
C GLU B 29 7.86 3.41 -0.87
N LYS B 30 8.34 3.62 0.36
CA LYS B 30 9.69 4.11 0.53
C LYS B 30 10.73 3.01 0.76
N HIS B 31 11.87 3.14 0.08
CA HIS B 31 12.96 2.17 0.16
C HIS B 31 14.29 2.91 0.05
N PRO B 32 15.38 2.28 0.53
CA PRO B 32 16.70 2.92 0.44
C PRO B 32 17.12 2.90 -1.03
N GLY B 33 17.76 3.97 -1.49
CA GLY B 33 18.19 4.03 -2.88
C GLY B 33 19.51 4.75 -3.10
N GLY B 34 19.92 4.81 -4.37
CA GLY B 34 21.16 5.47 -4.72
C GLY B 34 22.18 4.43 -5.15
N ALA B 35 22.53 4.45 -6.44
CA ALA B 35 23.47 3.48 -7.03
C ALA B 35 24.67 3.08 -6.16
N PRO B 36 25.47 4.05 -5.71
CA PRO B 36 26.66 3.77 -4.87
C PRO B 36 26.26 2.97 -3.64
N ALA B 37 25.11 3.34 -3.07
CA ALA B 37 24.61 2.67 -1.88
C ALA B 37 24.17 1.25 -2.24
N ASN B 38 23.44 1.11 -3.35
CA ASN B 38 22.99 -0.22 -3.77
C ASN B 38 24.20 -1.15 -4.01
N VAL B 39 25.26 -0.62 -4.62
CA VAL B 39 26.46 -1.42 -4.87
C VAL B 39 27.13 -1.82 -3.54
N ALA B 40 27.24 -0.87 -2.62
CA ALA B 40 27.85 -1.13 -1.33
C ALA B 40 27.14 -2.29 -0.59
N VAL B 41 25.82 -2.32 -0.67
CA VAL B 41 25.07 -3.39 -0.02
C VAL B 41 25.35 -4.72 -0.75
N GLY B 42 25.35 -4.70 -2.08
CA GLY B 42 25.63 -5.92 -2.82
C GLY B 42 27.01 -6.47 -2.47
N VAL B 43 28.00 -5.59 -2.36
CA VAL B 43 29.35 -6.02 -2.02
C VAL B 43 29.35 -6.69 -0.66
N SER B 44 28.71 -6.06 0.31
CA SER B 44 28.64 -6.61 1.66
C SER B 44 27.92 -7.96 1.71
N ARG B 45 26.84 -8.08 0.93
CA ARG B 45 26.09 -9.33 0.89
C ARG B 45 26.94 -10.46 0.30
N LEU B 46 27.80 -10.13 -0.65
CA LEU B 46 28.67 -11.12 -1.28
C LEU B 46 29.80 -11.52 -0.34
N GLY B 47 29.84 -10.89 0.84
CA GLY B 47 30.85 -11.20 1.84
C GLY B 47 32.06 -10.30 1.96
N VAL B 48 32.08 -9.15 1.30
CA VAL B 48 33.24 -8.27 1.38
C VAL B 48 32.95 -7.02 2.20
N LYS B 49 33.89 -6.63 3.05
CA LYS B 49 33.74 -5.43 3.88
C LYS B 49 33.47 -4.27 2.94
N SER B 50 32.37 -3.58 3.17
CA SER B 50 31.98 -2.48 2.32
C SER B 50 31.68 -1.22 3.11
N SER B 51 32.13 -0.08 2.59
CA SER B 51 31.89 1.20 3.24
C SER B 51 31.26 2.14 2.22
N LEU B 52 30.47 3.09 2.71
CA LEU B 52 29.83 4.06 1.84
C LEU B 52 30.14 5.47 2.32
N ILE B 53 30.56 6.33 1.41
CA ILE B 53 30.84 7.72 1.75
C ILE B 53 29.69 8.51 1.15
N SER B 54 28.95 9.24 1.98
CA SER B 54 27.82 9.99 1.48
C SER B 54 27.36 10.98 2.52
N LYS B 55 26.19 11.57 2.29
CA LYS B 55 25.66 12.55 3.21
C LYS B 55 24.12 12.57 3.22
N VAL B 56 23.55 12.51 4.41
CA VAL B 56 22.10 12.54 4.56
C VAL B 56 21.76 13.70 5.49
N GLY B 57 20.46 13.96 5.66
CA GLY B 57 20.07 15.04 6.54
C GLY B 57 19.92 14.54 7.97
N ASN B 58 19.91 15.46 8.92
CA ASN B 58 19.72 15.13 10.32
C ASN B 58 18.20 15.06 10.44
N ASP B 59 17.63 13.98 9.94
CA ASP B 59 16.19 13.81 9.95
C ASP B 59 15.80 12.33 9.94
N PRO B 60 14.51 12.03 10.14
CA PRO B 60 14.01 10.65 10.16
C PRO B 60 14.44 9.80 8.95
N PHE B 61 14.45 10.42 7.78
CA PHE B 61 14.83 9.70 6.58
C PHE B 61 16.33 9.39 6.59
N GLY B 62 17.12 10.33 7.10
CA GLY B 62 18.56 10.09 7.18
C GLY B 62 18.84 8.92 8.09
N GLU B 63 18.14 8.85 9.22
CA GLU B 63 18.30 7.76 10.18
C GLU B 63 17.89 6.44 9.56
N TYR B 64 16.77 6.44 8.86
CA TYR B 64 16.28 5.24 8.21
C TYR B 64 17.37 4.65 7.29
N LEU B 65 17.98 5.49 6.47
CA LEU B 65 19.01 5.01 5.55
C LEU B 65 20.23 4.40 6.25
N ILE B 66 20.75 5.11 7.24
CA ILE B 66 21.89 4.64 7.99
C ILE B 66 21.50 3.31 8.65
N GLU B 67 20.27 3.26 9.17
CA GLU B 67 19.78 2.04 9.79
C GLU B 67 19.70 0.86 8.82
N GLU B 68 19.17 1.09 7.62
CA GLU B 68 19.08 0.01 6.65
C GLU B 68 20.45 -0.46 6.19
N LEU B 69 21.37 0.48 5.96
CA LEU B 69 22.71 0.11 5.53
C LEU B 69 23.40 -0.69 6.65
N SER B 70 23.15 -0.29 7.89
CA SER B 70 23.72 -0.95 9.05
C SER B 70 23.26 -2.40 9.13
N LYS B 71 21.99 -2.67 8.81
CA LYS B 71 21.46 -4.04 8.84
C LYS B 71 22.15 -4.91 7.77
N GLU B 72 22.71 -4.26 6.76
CA GLU B 72 23.41 -4.97 5.68
C GLU B 72 24.89 -5.06 5.99
N ASN B 73 25.28 -4.59 7.17
CA ASN B 73 26.68 -4.63 7.61
C ASN B 73 27.60 -3.69 6.83
N VAL B 74 27.02 -2.68 6.18
CA VAL B 74 27.84 -1.73 5.45
C VAL B 74 28.37 -0.69 6.46
N ASP B 75 29.67 -0.42 6.38
CA ASP B 75 30.26 0.57 7.28
C ASP B 75 29.70 1.95 6.94
N THR B 76 29.02 2.56 7.91
CA THR B 76 28.40 3.86 7.69
C THR B 76 29.09 5.05 8.37
N ARG B 77 30.26 4.84 8.97
CA ARG B 77 30.95 5.95 9.64
C ARG B 77 31.20 7.11 8.67
N GLY B 78 31.44 6.77 7.41
CA GLY B 78 31.70 7.78 6.40
C GLY B 78 30.48 8.53 5.88
N ILE B 79 29.32 8.31 6.48
CA ILE B 79 28.10 9.00 6.05
C ILE B 79 27.84 10.15 7.03
N VAL B 80 28.01 11.37 6.54
CA VAL B 80 27.82 12.56 7.37
C VAL B 80 26.37 13.07 7.36
N LYS B 81 26.02 13.84 8.37
CA LYS B 81 24.68 14.42 8.49
C LYS B 81 24.74 15.92 8.19
N ASP B 82 23.82 16.38 7.36
CA ASP B 82 23.76 17.80 7.01
C ASP B 82 22.77 18.46 7.99
N GLU B 83 23.17 19.56 8.60
CA GLU B 83 22.27 20.24 9.53
C GLU B 83 21.29 21.15 8.81
N LYS B 84 21.62 21.51 7.57
CA LYS B 84 20.75 22.37 6.80
C LYS B 84 19.85 21.60 5.84
N LYS B 85 20.45 20.94 4.84
CA LYS B 85 19.71 20.19 3.83
C LYS B 85 19.14 18.85 4.31
N HIS B 86 17.94 18.53 3.86
CA HIS B 86 17.31 17.27 4.23
C HIS B 86 17.77 16.11 3.32
N THR B 87 17.55 14.88 3.80
CA THR B 87 17.91 13.67 3.09
C THR B 87 17.41 13.67 1.63
N GLY B 88 18.21 13.13 0.73
CA GLY B 88 17.82 13.06 -0.66
C GLY B 88 16.55 12.24 -0.89
N ILE B 89 15.71 12.70 -1.80
CA ILE B 89 14.48 11.98 -2.12
C ILE B 89 14.20 12.02 -3.61
N VAL B 90 13.56 10.97 -4.11
CA VAL B 90 13.20 10.91 -5.51
C VAL B 90 11.91 10.12 -5.61
N PHE B 91 10.95 10.66 -6.34
CA PHE B 91 9.67 10.02 -6.58
C PHE B 91 9.84 9.33 -7.93
N VAL B 92 9.58 8.03 -7.96
CA VAL B 92 9.79 7.30 -9.20
C VAL B 92 8.65 6.41 -9.65
N GLN B 93 8.49 6.35 -10.97
CA GLN B 93 7.48 5.51 -11.60
C GLN B 93 8.31 4.59 -12.50
N LEU B 94 8.56 3.38 -12.01
CA LEU B 94 9.35 2.39 -12.73
C LEU B 94 8.55 1.64 -13.79
N LYS B 95 7.23 1.58 -13.61
CA LYS B 95 6.38 0.85 -14.54
C LYS B 95 6.09 1.59 -15.84
N GLY B 96 5.53 0.86 -16.81
CA GLY B 96 5.19 1.46 -18.09
C GLY B 96 6.32 1.56 -19.09
N ALA B 97 5.96 1.62 -20.37
CA ALA B 97 6.94 1.73 -21.44
C ALA B 97 7.44 3.17 -21.55
N SER B 98 8.00 3.66 -20.45
CA SER B 98 8.52 5.02 -20.37
C SER B 98 8.66 5.44 -18.90
N PRO B 99 9.60 4.83 -18.17
CA PRO B 99 9.82 5.14 -16.76
C PRO B 99 10.00 6.65 -16.57
N SER B 100 9.75 7.14 -15.36
CA SER B 100 9.91 8.56 -15.08
C SER B 100 10.17 8.80 -13.60
N PHE B 101 10.67 10.00 -13.28
CA PHE B 101 10.92 10.32 -11.89
C PHE B 101 10.97 11.82 -11.63
N LEU B 102 10.91 12.17 -10.37
CA LEU B 102 10.98 13.56 -9.96
C LEU B 102 11.99 13.57 -8.82
N LEU B 103 13.18 14.07 -9.12
CA LEU B 103 14.26 14.13 -8.14
C LEU B 103 14.47 15.53 -7.55
N TYR B 104 14.55 15.59 -6.23
CA TYR B 104 14.79 16.85 -5.53
C TYR B 104 16.29 16.97 -5.38
N ASP B 105 16.86 18.01 -5.98
CA ASP B 105 18.31 18.19 -5.98
C ASP B 105 18.95 19.02 -4.88
N ASP B 106 18.19 19.89 -4.21
CA ASP B 106 18.81 20.65 -3.13
C ASP B 106 18.65 19.79 -1.89
N VAL B 107 19.47 18.74 -1.83
CA VAL B 107 19.42 17.79 -0.74
C VAL B 107 20.82 17.48 -0.22
N ALA B 108 20.88 16.78 0.90
CA ALA B 108 22.15 16.47 1.56
C ALA B 108 23.28 15.85 0.73
N TYR B 109 22.99 14.81 -0.04
CA TYR B 109 24.06 14.14 -0.80
C TYR B 109 24.70 14.98 -1.88
N PHE B 110 24.04 16.05 -2.31
CA PHE B 110 24.63 16.95 -3.31
C PHE B 110 25.40 18.08 -2.60
N ASN B 111 25.42 18.05 -1.28
CA ASN B 111 26.10 19.11 -0.53
C ASN B 111 27.36 18.62 0.20
N THR B 113 31.21 18.21 1.04
CA THR B 113 32.42 19.03 0.91
C THR B 113 33.63 18.19 1.33
N LEU B 114 34.84 18.62 0.94
CA LEU B 114 36.03 17.86 1.29
C LEU B 114 36.17 17.67 2.80
N ASN B 115 35.62 18.61 3.57
CA ASN B 115 35.65 18.53 5.04
C ASN B 115 34.83 17.32 5.53
N ASP B 116 33.82 16.92 4.76
CA ASP B 116 32.98 15.79 5.15
C ASP B 116 33.62 14.44 4.85
N ILE B 117 34.69 14.43 4.08
CA ILE B 117 35.32 13.17 3.70
C ILE B 117 36.15 12.46 4.77
N ASN B 118 35.79 11.22 5.08
CA ASN B 118 36.55 10.42 6.04
C ASN B 118 37.66 9.78 5.21
N TRP B 119 38.81 10.44 5.17
CA TRP B 119 39.96 9.96 4.41
C TRP B 119 40.50 8.62 4.85
N ASP B 120 40.41 8.31 6.15
CA ASP B 120 40.90 7.03 6.64
C ASP B 120 40.16 5.89 5.94
N ILE B 121 38.84 6.03 5.84
CA ILE B 121 38.02 5.00 5.20
C ILE B 121 38.34 4.85 3.72
N VAL B 122 38.41 5.97 3.00
CA VAL B 122 38.70 5.94 1.57
C VAL B 122 40.11 5.43 1.24
N GLU B 123 41.09 5.77 2.09
CA GLU B 123 42.46 5.34 1.84
C GLU B 123 42.62 3.84 2.13
N GLU B 124 41.74 3.34 3.00
CA GLU B 124 41.72 1.95 3.40
C GLU B 124 41.18 1.00 2.32
N ALA B 125 40.54 1.57 1.30
CA ALA B 125 39.94 0.79 0.22
C ALA B 125 40.88 0.36 -0.90
N LYS B 126 40.66 -0.86 -1.39
CA LYS B 126 41.43 -1.43 -2.49
C LYS B 126 40.77 -1.00 -3.81
N ILE B 127 39.46 -0.79 -3.77
CA ILE B 127 38.69 -0.35 -4.94
C ILE B 127 37.72 0.72 -4.46
N VAL B 128 37.66 1.82 -5.20
CA VAL B 128 36.76 2.90 -4.85
C VAL B 128 35.81 3.06 -6.03
N ASN B 129 34.53 2.93 -5.73
CA ASN B 129 33.47 3.00 -6.73
C ASN B 129 32.63 4.28 -6.64
N PHE B 130 32.43 4.97 -7.77
CA PHE B 130 31.61 6.18 -7.82
C PHE B 130 30.83 6.22 -9.13
N GLY B 131 29.78 7.03 -9.18
CA GLY B 131 28.98 7.10 -10.40
C GLY B 131 28.77 8.55 -10.81
N SER B 132 28.16 8.75 -11.98
CA SER B 132 27.93 10.09 -12.50
C SER B 132 26.83 10.93 -11.85
N VAL B 133 25.83 10.30 -11.23
CA VAL B 133 24.73 11.06 -10.61
C VAL B 133 25.20 12.09 -9.58
N ILE B 134 26.07 11.67 -8.67
CA ILE B 134 26.59 12.56 -7.63
C ILE B 134 27.28 13.77 -8.25
N LEU B 135 27.77 13.60 -9.47
CA LEU B 135 28.49 14.66 -10.18
C LEU B 135 27.60 15.75 -10.77
N ALA B 136 26.29 15.51 -10.79
CA ALA B 136 25.36 16.48 -11.37
C ALA B 136 25.31 17.84 -10.66
N ARG B 137 25.75 17.90 -9.41
CA ARG B 137 25.71 19.16 -8.67
C ARG B 137 26.92 19.42 -7.77
N ASN B 138 27.27 20.69 -7.62
CA ASN B 138 28.36 21.06 -6.73
C ASN B 138 27.68 21.34 -5.40
N PRO B 139 28.43 21.29 -4.30
CA PRO B 139 29.86 21.00 -4.19
C PRO B 139 30.23 19.51 -4.27
N SER B 140 29.24 18.62 -4.22
CA SER B 140 29.54 17.19 -4.27
C SER B 140 30.43 16.79 -5.45
N ARG B 141 30.17 17.37 -6.62
CA ARG B 141 30.95 17.06 -7.82
C ARG B 141 32.43 17.35 -7.62
N GLU B 142 32.73 18.58 -7.20
CA GLU B 142 34.11 18.98 -6.97
C GLU B 142 34.71 18.09 -5.90
N THR B 143 33.95 17.85 -4.83
CA THR B 143 34.42 17.01 -3.73
C THR B 143 34.77 15.60 -4.20
N VAL B 144 33.89 15.00 -5.00
CA VAL B 144 34.12 13.65 -5.50
C VAL B 144 35.28 13.57 -6.48
N LYS B 146 37.89 15.46 -6.69
CA LYS B 146 39.14 15.60 -5.96
C LYS B 146 39.47 14.36 -5.15
N VAL B 147 38.44 13.76 -4.54
CA VAL B 147 38.65 12.55 -3.76
C VAL B 147 39.20 11.42 -4.65
N ILE B 148 38.62 11.26 -5.83
CA ILE B 148 39.04 10.21 -6.75
C ILE B 148 40.48 10.45 -7.23
N LYS B 149 40.81 11.70 -7.51
CA LYS B 149 42.16 12.02 -7.97
C LYS B 149 43.24 11.76 -6.91
N LYS B 150 42.92 12.00 -5.65
CA LYS B 150 43.89 11.78 -4.58
C LYS B 150 44.17 10.31 -4.28
N ILE B 151 43.20 9.43 -4.48
CA ILE B 151 43.38 8.01 -4.16
C ILE B 151 43.61 7.09 -5.38
N LYS B 152 43.61 7.66 -6.57
CA LYS B 152 43.82 6.92 -7.77
C LYS B 152 45.16 6.10 -7.78
N GLY B 153 46.09 6.32 -6.83
CA GLY B 153 47.35 5.61 -6.89
C GLY B 153 47.55 4.45 -5.93
N SER B 154 46.63 4.16 -5.04
CA SER B 154 46.80 2.98 -4.13
C SER B 154 45.43 2.35 -4.08
N SER B 155 44.67 2.54 -5.16
CA SER B 155 43.32 2.05 -5.24
C SER B 155 42.82 1.95 -6.65
N LEU B 156 42.11 0.89 -6.97
CA LEU B 156 41.52 0.76 -8.29
C LEU B 156 40.30 1.67 -8.25
N ILE B 157 40.02 2.32 -9.36
CA ILE B 157 38.87 3.22 -9.46
C ILE B 157 37.82 2.61 -10.39
N ALA B 158 36.59 2.49 -9.89
CA ALA B 158 35.49 1.93 -10.68
C ALA B 158 34.45 3.03 -10.88
N PHE B 159 33.94 3.12 -12.09
CA PHE B 159 32.95 4.14 -12.41
C PHE B 159 31.80 3.60 -13.26
N ASP B 160 30.58 3.82 -12.79
CA ASP B 160 29.38 3.40 -13.52
C ASP B 160 28.84 4.69 -14.16
N VAL B 161 28.81 4.73 -15.48
CA VAL B 161 28.33 5.91 -16.18
C VAL B 161 26.92 6.33 -15.71
N ASN B 162 26.06 5.35 -15.46
CA ASN B 162 24.70 5.62 -14.98
C ASN B 162 24.24 7.02 -15.38
N LEU B 163 23.96 7.19 -16.67
CA LEU B 163 23.58 8.49 -17.21
C LEU B 163 22.12 8.92 -17.05
N ARG B 164 21.90 10.10 -16.47
CA ARG B 164 20.57 10.66 -16.26
C ARG B 164 20.56 12.07 -16.84
N LEU B 165 20.26 12.17 -18.13
CA LEU B 165 20.23 13.45 -18.82
C LEU B 165 19.47 14.56 -18.10
N ASP B 166 18.30 14.24 -17.56
CA ASP B 166 17.50 15.26 -16.86
C ASP B 166 18.31 16.00 -15.81
N LEU B 167 19.21 15.29 -15.13
CA LEU B 167 20.04 15.89 -14.09
C LEU B 167 21.03 16.92 -14.64
N TRP B 168 21.22 16.91 -15.95
CA TRP B 168 22.17 17.84 -16.57
C TRP B 168 21.56 18.86 -17.53
N ARG B 169 20.25 19.03 -17.52
CA ARG B 169 19.65 20.00 -18.44
C ARG B 169 20.27 21.35 -18.16
N GLY B 170 20.65 22.05 -19.24
CA GLY B 170 21.26 23.35 -19.09
C GLY B 170 22.77 23.29 -18.91
N GLN B 171 23.30 22.10 -18.67
CA GLN B 171 24.74 21.98 -18.50
C GLN B 171 25.30 20.77 -19.27
N GLU B 172 24.66 20.44 -20.38
CA GLU B 172 25.10 19.33 -21.22
C GLU B 172 26.59 19.43 -21.48
N GLU B 173 27.06 20.65 -21.75
CA GLU B 173 28.46 20.91 -22.02
C GLU B 173 29.32 20.36 -20.88
N GLU B 174 29.11 20.90 -19.69
CA GLU B 174 29.84 20.48 -18.50
C GLU B 174 29.71 18.98 -18.27
N ILE B 176 29.47 16.39 -20.48
CA ILE B 176 30.41 15.64 -21.31
C ILE B 176 31.83 15.77 -20.76
N LYS B 177 32.13 16.94 -20.22
CA LYS B 177 33.45 17.18 -19.65
C LYS B 177 33.74 16.34 -18.40
N VAL B 178 32.81 16.32 -17.44
CA VAL B 178 33.06 15.56 -16.22
C VAL B 178 33.01 14.05 -16.46
N LEU B 179 32.14 13.60 -17.34
CA LEU B 179 32.06 12.17 -17.62
C LEU B 179 33.36 11.68 -18.24
N GLU B 180 33.91 12.47 -19.15
CA GLU B 180 35.16 12.12 -19.81
C GLU B 180 36.28 12.06 -18.78
N GLU B 181 36.36 13.07 -17.91
CA GLU B 181 37.39 13.08 -16.87
C GLU B 181 37.24 11.83 -16.02
N SER B 182 36.02 11.59 -15.55
CA SER B 182 35.73 10.43 -14.70
C SER B 182 36.15 9.12 -15.37
N ILE B 183 35.73 8.93 -16.62
CA ILE B 183 36.09 7.71 -17.35
C ILE B 183 37.59 7.51 -17.43
N LYS B 184 38.33 8.59 -17.70
CA LYS B 184 39.79 8.50 -17.81
C LYS B 184 40.47 8.18 -16.49
N LEU B 185 39.87 8.59 -15.37
CA LEU B 185 40.43 8.30 -14.06
C LEU B 185 40.08 6.88 -13.61
N ALA B 186 39.17 6.22 -14.33
CA ALA B 186 38.74 4.89 -13.93
C ALA B 186 39.47 3.71 -14.56
N ASP B 187 39.82 2.75 -13.69
CA ASP B 187 40.46 1.52 -14.11
C ASP B 187 39.36 0.60 -14.63
N ILE B 188 38.21 0.67 -13.96
CA ILE B 188 37.05 -0.15 -14.28
C ILE B 188 35.86 0.72 -14.67
N VAL B 189 35.34 0.51 -15.87
CA VAL B 189 34.20 1.28 -16.35
C VAL B 189 32.99 0.42 -16.72
N LYS B 190 31.82 0.81 -16.22
CA LYS B 190 30.59 0.09 -16.53
C LYS B 190 29.60 1.04 -17.18
N ALA B 191 29.00 0.60 -18.27
CA ALA B 191 28.01 1.40 -18.97
C ALA B 191 27.11 0.49 -19.77
N SER B 192 25.98 1.01 -20.22
CA SER B 192 25.05 0.23 -21.03
C SER B 192 25.46 0.55 -22.46
N GLU B 193 25.00 -0.27 -23.41
CA GLU B 193 25.33 -0.04 -24.81
C GLU B 193 24.78 1.30 -25.25
N GLU B 194 23.61 1.67 -24.71
CA GLU B 194 22.99 2.96 -25.05
C GLU B 194 23.88 4.10 -24.60
N GLU B 195 24.38 4.02 -23.36
CA GLU B 195 25.25 5.07 -22.84
C GLU B 195 26.55 5.15 -23.65
N VAL B 196 27.08 4.01 -24.04
CA VAL B 196 28.30 3.97 -24.83
C VAL B 196 28.04 4.71 -26.14
N LEU B 197 26.99 4.32 -26.84
CA LEU B 197 26.64 4.95 -28.10
C LEU B 197 26.48 6.46 -27.92
N TYR B 198 25.71 6.85 -26.91
CA TYR B 198 25.48 8.26 -26.64
C TYR B 198 26.76 9.06 -26.41
N LEU B 199 27.64 8.57 -25.55
CA LEU B 199 28.88 9.27 -25.25
C LEU B 199 29.86 9.32 -26.42
N GLU B 200 29.99 8.23 -27.15
CA GLU B 200 30.90 8.19 -28.29
C GLU B 200 30.41 9.16 -29.37
N ASN B 201 29.10 9.25 -29.53
CA ASN B 201 28.51 10.16 -30.50
C ASN B 201 28.84 11.60 -30.11
N GLN B 202 29.34 11.76 -28.89
CA GLN B 202 29.71 13.09 -28.41
C GLN B 202 31.22 13.19 -28.32
N GLY B 203 31.90 12.24 -28.96
CA GLY B 203 33.36 12.24 -28.97
C GLY B 203 34.05 11.65 -27.76
N VAL B 204 33.30 10.98 -26.89
CA VAL B 204 33.89 10.39 -25.70
C VAL B 204 34.01 8.88 -25.80
N GLU B 205 35.19 8.37 -25.47
CA GLU B 205 35.47 6.93 -25.51
C GLU B 205 35.09 6.34 -24.14
N VAL B 206 34.17 5.39 -24.14
CA VAL B 206 33.74 4.77 -22.89
C VAL B 206 34.48 3.48 -22.61
N LYS B 207 35.65 3.60 -22.02
CA LYS B 207 36.47 2.44 -21.68
C LYS B 207 37.35 2.69 -20.47
N GLY B 208 37.52 1.64 -19.67
CA GLY B 208 38.36 1.73 -18.49
C GLY B 208 39.77 1.34 -18.86
N SER B 209 40.76 1.87 -18.16
CA SER B 209 42.15 1.57 -18.44
C SER B 209 42.44 0.10 -18.24
N LEU B 211 39.65 -2.44 -17.30
CA LEU B 211 38.54 -3.27 -17.74
C LEU B 211 37.29 -2.45 -18.03
N THR B 212 36.52 -2.90 -19.01
CA THR B 212 35.28 -2.24 -19.39
C THR B 212 34.17 -3.28 -19.43
N ALA B 213 33.04 -2.95 -18.81
CA ALA B 213 31.90 -3.83 -18.80
C ALA B 213 30.71 -3.09 -19.41
N ILE B 214 30.29 -3.54 -20.58
CA ILE B 214 29.16 -2.94 -21.28
C ILE B 214 27.97 -3.87 -21.12
N THR B 215 26.92 -3.39 -20.47
CA THR B 215 25.75 -4.22 -20.27
C THR B 215 24.83 -4.12 -21.49
N LEU B 216 24.18 -5.23 -21.82
CA LEU B 216 23.29 -5.29 -22.98
C LEU B 216 21.86 -5.62 -22.57
N GLY B 217 21.50 -5.24 -21.34
CA GLY B 217 20.16 -5.53 -20.86
C GLY B 217 19.95 -7.00 -20.56
N PRO B 218 18.77 -7.55 -20.90
CA PRO B 218 18.41 -8.95 -20.69
C PRO B 218 19.31 -9.94 -21.43
N LYS B 219 19.87 -9.51 -22.56
CA LYS B 219 20.75 -10.35 -23.35
C LYS B 219 21.94 -10.83 -22.54
N GLY B 220 22.54 -9.90 -21.79
CA GLY B 220 23.70 -10.22 -20.98
C GLY B 220 24.65 -9.04 -20.97
N PHE B 221 25.96 -9.31 -20.91
CA PHE B 221 26.94 -8.25 -20.89
C PHE B 221 28.20 -8.54 -21.69
N ARG B 222 29.04 -7.52 -21.83
CA ARG B 222 30.29 -7.62 -22.58
C ARG B 222 31.47 -7.13 -21.74
N LEU B 223 32.53 -7.93 -21.69
CA LEU B 223 33.72 -7.56 -20.95
C LEU B 223 34.81 -7.25 -21.95
N ILE B 224 35.51 -6.13 -21.73
CA ILE B 224 36.58 -5.72 -22.61
C ILE B 224 37.86 -5.42 -21.84
N LYS B 225 38.94 -6.08 -22.25
CA LYS B 225 40.26 -5.91 -21.66
C LYS B 225 41.19 -5.78 -22.85
N ASN B 226 41.60 -4.55 -23.14
CA ASN B 226 42.47 -4.28 -24.28
C ASN B 226 41.68 -4.51 -25.55
N GLU B 227 42.15 -5.45 -26.38
CA GLU B 227 41.46 -5.77 -27.63
C GLU B 227 40.54 -6.98 -27.44
N THR B 228 40.79 -7.74 -26.39
CA THR B 228 40.01 -8.93 -26.11
C THR B 228 38.60 -8.63 -25.64
N VAL B 229 37.62 -9.08 -26.41
CA VAL B 229 36.21 -8.89 -26.09
C VAL B 229 35.61 -10.24 -25.69
N VAL B 230 34.90 -10.26 -24.57
CA VAL B 230 34.27 -11.48 -24.10
C VAL B 230 32.76 -11.24 -23.97
N ASP B 231 31.99 -11.83 -24.88
CA ASP B 231 30.54 -11.69 -24.82
C ASP B 231 30.03 -12.69 -23.81
N VAL B 232 29.16 -12.24 -22.92
CA VAL B 232 28.60 -13.12 -21.90
C VAL B 232 27.08 -13.14 -21.93
N PRO B 233 26.51 -14.08 -22.70
CA PRO B 233 25.05 -14.19 -22.80
C PRO B 233 24.50 -14.49 -21.40
N SER B 234 23.39 -13.85 -21.05
CA SER B 234 22.81 -14.02 -19.72
C SER B 234 22.13 -15.35 -19.45
N TYR B 235 22.32 -15.88 -18.24
CA TYR B 235 21.68 -17.14 -17.87
C TYR B 235 20.19 -16.87 -17.90
N ASN B 236 19.45 -17.72 -18.59
CA ASN B 236 18.00 -17.53 -18.68
C ASN B 236 17.34 -17.76 -17.33
N VAL B 237 16.50 -16.82 -16.92
CA VAL B 237 15.77 -16.89 -15.66
C VAL B 237 14.45 -16.19 -15.88
N ASN B 238 13.53 -16.31 -14.93
CA ASN B 238 12.26 -15.63 -15.06
C ASN B 238 12.34 -14.45 -14.08
N PRO B 239 12.62 -13.26 -14.61
CA PRO B 239 12.76 -12.03 -13.83
C PRO B 239 11.50 -11.52 -13.15
N LEU B 240 11.59 -11.32 -11.84
CA LEU B 240 10.47 -10.77 -11.10
C LEU B 240 10.68 -9.26 -11.10
N ASP B 241 11.94 -8.86 -10.89
CA ASP B 241 12.30 -7.44 -10.85
C ASP B 241 13.75 -7.26 -11.30
N THR B 242 13.97 -6.48 -12.34
CA THR B 242 15.34 -6.24 -12.83
C THR B 242 15.85 -4.89 -12.35
N THR B 243 15.08 -4.22 -11.51
CA THR B 243 15.45 -2.90 -11.00
C THR B 243 16.84 -2.81 -10.41
N GLY B 244 17.24 -3.81 -9.63
CA GLY B 244 18.55 -3.76 -9.02
C GLY B 244 19.63 -4.59 -9.68
N ALA B 245 19.39 -5.08 -10.89
CA ALA B 245 20.36 -5.92 -11.60
C ALA B 245 21.66 -5.20 -11.98
N GLY B 246 21.55 -3.94 -12.41
CA GLY B 246 22.74 -3.19 -12.77
C GLY B 246 23.69 -3.07 -11.58
N ASP B 247 23.14 -2.68 -10.44
CA ASP B 247 23.96 -2.53 -9.24
C ASP B 247 24.44 -3.88 -8.68
N ALA B 248 23.65 -4.93 -8.84
CA ALA B 248 24.09 -6.24 -8.37
C ALA B 248 25.24 -6.64 -9.29
N PHE B 249 25.06 -6.39 -10.58
CA PHE B 249 26.09 -6.71 -11.55
C PHE B 249 27.40 -6.03 -11.15
N ALA B 251 28.36 -4.80 -8.26
CA ALA B 251 28.89 -5.30 -6.99
C ALA B 251 29.67 -6.59 -7.22
N ALA B 252 29.11 -7.48 -8.06
CA ALA B 252 29.72 -8.76 -8.37
C ALA B 252 31.03 -8.57 -9.12
N LEU B 253 31.01 -7.63 -10.06
CA LEU B 253 32.19 -7.35 -10.86
C LEU B 253 33.33 -6.90 -9.95
N LEU B 254 33.02 -5.99 -9.03
CA LEU B 254 34.05 -5.48 -8.12
C LEU B 254 34.57 -6.56 -7.19
N VAL B 255 33.67 -7.36 -6.63
CA VAL B 255 34.10 -8.43 -5.74
C VAL B 255 34.89 -9.48 -6.51
N GLY B 256 34.47 -9.72 -7.76
CA GLY B 256 35.16 -10.69 -8.59
C GLY B 256 36.58 -10.22 -8.85
N ILE B 257 36.73 -8.95 -9.21
CA ILE B 257 38.04 -8.38 -9.48
C ILE B 257 38.93 -8.36 -8.25
N LEU B 258 38.32 -8.16 -7.08
CA LEU B 258 39.07 -8.13 -5.83
C LEU B 258 39.51 -9.53 -5.36
N LYS B 259 38.68 -10.53 -5.58
CA LYS B 259 38.99 -11.89 -5.14
C LYS B 259 39.84 -12.73 -6.08
N LEU B 260 39.62 -12.59 -7.38
CA LEU B 260 40.39 -13.36 -8.35
C LEU B 260 41.84 -12.90 -8.41
N LYS B 261 42.76 -13.83 -8.20
CA LYS B 261 44.18 -13.51 -8.27
C LYS B 261 44.53 -13.49 -9.75
N GLY B 262 44.32 -12.33 -10.36
CA GLY B 262 44.55 -12.17 -11.78
C GLY B 262 43.22 -12.00 -12.48
N LEU B 263 43.16 -11.11 -13.46
CA LEU B 263 41.94 -10.83 -14.21
C LEU B 263 41.44 -11.99 -15.08
N ASP B 264 41.01 -13.08 -14.44
CA ASP B 264 40.50 -14.24 -15.16
C ASP B 264 39.14 -13.84 -15.73
N LEU B 265 39.13 -13.37 -16.97
CA LEU B 265 37.89 -12.91 -17.61
C LEU B 265 36.76 -13.92 -17.65
N LEU B 266 37.07 -15.21 -17.85
CA LEU B 266 36.00 -16.21 -17.91
C LEU B 266 35.33 -16.37 -16.55
N LYS B 267 36.12 -16.45 -15.48
CA LYS B 267 35.58 -16.62 -14.13
C LYS B 267 34.80 -15.38 -13.68
N LEU B 268 35.31 -14.20 -14.05
CA LEU B 268 34.66 -12.95 -13.70
C LEU B 268 33.29 -12.90 -14.37
N GLY B 269 33.28 -13.08 -15.68
CA GLY B 269 32.04 -13.06 -16.44
C GLY B 269 30.97 -13.97 -15.89
N LYS B 270 31.33 -15.22 -15.62
CA LYS B 270 30.37 -16.18 -15.08
C LYS B 270 29.84 -15.77 -13.71
N PHE B 271 30.72 -15.25 -12.87
CA PHE B 271 30.33 -14.83 -11.53
C PHE B 271 29.37 -13.63 -11.59
N ALA B 272 29.72 -12.64 -12.40
CA ALA B 272 28.90 -11.44 -12.56
C ALA B 272 27.54 -11.78 -13.17
N ASN B 273 27.54 -12.64 -14.18
CA ASN B 273 26.30 -13.07 -14.84
C ASN B 273 25.44 -13.82 -13.84
N LEU B 274 26.06 -14.67 -13.05
CA LEU B 274 25.34 -15.46 -12.06
C LEU B 274 24.63 -14.56 -11.05
N VAL B 275 25.38 -13.64 -10.46
CA VAL B 275 24.85 -12.72 -9.47
C VAL B 275 23.77 -11.79 -10.00
N ALA B 276 24.00 -11.25 -11.19
CA ALA B 276 23.04 -10.34 -11.81
C ALA B 276 21.76 -11.05 -12.22
N ALA B 277 21.88 -12.27 -12.73
CA ALA B 277 20.71 -13.04 -13.13
C ALA B 277 19.86 -13.35 -11.90
N LEU B 278 20.51 -13.91 -10.88
CA LEU B 278 19.83 -14.26 -9.65
C LEU B 278 19.22 -13.06 -8.92
N SER B 279 19.79 -11.87 -9.12
CA SER B 279 19.24 -10.68 -8.46
C SER B 279 17.86 -10.38 -9.01
N THR B 280 17.58 -10.82 -10.24
CA THR B 280 16.27 -10.54 -10.83
C THR B 280 15.16 -11.32 -10.11
N GLN B 281 15.54 -12.20 -9.18
CA GLN B 281 14.57 -12.97 -8.42
C GLN B 281 14.10 -12.23 -7.16
N LYS B 282 14.65 -11.04 -6.92
CA LYS B 282 14.29 -10.26 -5.74
C LYS B 282 13.84 -8.85 -6.14
N ARG B 283 12.86 -8.31 -5.41
CA ARG B 283 12.35 -6.97 -5.69
C ARG B 283 13.25 -5.91 -5.08
N GLY B 284 13.11 -4.67 -5.56
CA GLY B 284 13.87 -3.56 -5.01
C GLY B 284 15.25 -3.24 -5.56
N ALA B 285 15.78 -2.13 -5.09
CA ALA B 285 17.09 -1.66 -5.51
C ALA B 285 18.24 -2.47 -4.91
N TRP B 286 17.97 -3.22 -3.84
CA TRP B 286 19.01 -4.06 -3.22
C TRP B 286 18.64 -5.53 -3.46
N SER B 287 18.89 -6.02 -4.66
CA SER B 287 18.54 -7.39 -4.99
C SER B 287 19.68 -8.36 -5.07
N THR B 288 20.87 -7.92 -4.70
CA THR B 288 22.04 -8.79 -4.75
C THR B 288 21.88 -9.96 -3.80
N PRO B 289 22.07 -11.19 -4.29
CA PRO B 289 21.96 -12.39 -3.45
C PRO B 289 23.14 -12.48 -2.48
N ARG B 290 22.90 -13.04 -1.31
CA ARG B 290 23.96 -13.17 -0.31
C ARG B 290 24.90 -14.33 -0.65
N LYS B 291 26.05 -14.36 0.03
CA LYS B 291 27.06 -15.39 -0.17
C LYS B 291 26.54 -16.80 0.15
N ASP B 292 25.80 -16.93 1.24
CA ASP B 292 25.25 -18.22 1.63
C ASP B 292 24.25 -18.74 0.59
N GLU B 293 23.76 -17.86 -0.26
CA GLU B 293 22.79 -18.24 -1.29
C GLU B 293 23.50 -18.69 -2.56
N LEU B 294 24.78 -18.32 -2.69
CA LEU B 294 25.56 -18.63 -3.88
C LEU B 294 26.53 -19.80 -3.82
N LEU B 295 26.94 -20.19 -2.62
CA LEU B 295 27.90 -21.28 -2.47
C LEU B 295 27.57 -22.58 -3.20
N LYS B 296 26.30 -22.80 -3.53
CA LYS B 296 25.94 -24.03 -4.24
C LYS B 296 26.31 -23.98 -5.72
N TYR B 297 26.69 -22.81 -6.20
CA TYR B 297 27.07 -22.64 -7.60
C TYR B 297 28.59 -22.68 -7.75
N LYS B 298 29.05 -23.42 -8.76
CA LYS B 298 30.47 -23.55 -9.04
C LYS B 298 31.03 -22.17 -9.45
N GLU B 299 30.25 -21.43 -10.22
CA GLU B 299 30.67 -20.10 -10.68
C GLU B 299 30.92 -19.14 -9.52
N ALA B 300 30.21 -19.34 -8.41
CA ALA B 300 30.39 -18.47 -7.26
C ALA B 300 31.53 -18.97 -6.36
N ARG B 301 31.64 -20.29 -6.21
CA ARG B 301 32.71 -20.84 -5.38
C ARG B 301 34.07 -20.45 -5.96
N GLU B 302 34.13 -20.38 -7.28
CA GLU B 302 35.37 -20.01 -7.96
C GLU B 302 35.88 -18.68 -7.45
N VAL B 303 34.96 -17.81 -7.05
CA VAL B 303 35.31 -16.47 -6.58
C VAL B 303 35.22 -16.30 -5.06
N LEU B 304 34.08 -16.65 -4.47
CA LEU B 304 33.85 -16.51 -3.05
C LEU B 304 34.46 -17.64 -2.23
N LEU C 3 -15.52 37.76 -2.11
CA LEU C 3 -14.32 37.01 -2.58
C LEU C 3 -13.22 37.07 -1.51
N ILE C 4 -12.67 35.90 -1.22
CA ILE C 4 -11.60 35.76 -0.25
C ILE C 4 -10.37 35.24 -1.00
N ALA C 5 -9.24 35.89 -0.79
CA ALA C 5 -8.01 35.47 -1.44
C ALA C 5 -7.03 34.97 -0.41
N SER C 6 -6.34 33.87 -0.73
CA SER C 6 -5.35 33.29 0.14
C SER C 6 -4.00 33.30 -0.55
N ILE C 7 -2.96 33.68 0.18
CA ILE C 7 -1.63 33.70 -0.39
C ILE C 7 -0.72 32.93 0.57
N GLY C 8 -0.02 31.93 0.03
CA GLY C 8 0.85 31.14 0.87
C GLY C 8 1.21 29.80 0.25
N GLU C 9 1.73 28.90 1.08
CA GLU C 9 2.16 27.59 0.62
C GLU C 9 1.08 26.70 0.00
N LEU C 10 1.47 26.00 -1.06
CA LEU C 10 0.62 25.04 -1.77
C LEU C 10 1.61 23.91 -2.02
N LEU C 11 1.31 22.72 -1.49
CA LEU C 11 2.25 21.62 -1.62
C LEU C 11 1.62 20.24 -1.59
N ILE C 12 2.46 19.24 -1.78
CA ILE C 12 2.04 17.85 -1.75
C ILE C 12 2.27 17.32 -0.35
N ASP C 13 1.21 16.79 0.27
CA ASP C 13 1.32 16.20 1.59
C ASP C 13 1.42 14.69 1.34
N LEU C 14 2.51 14.09 1.81
CA LEU C 14 2.68 12.65 1.69
C LEU C 14 2.33 12.13 3.07
N ILE C 15 1.09 11.70 3.21
CA ILE C 15 0.57 11.23 4.48
C ILE C 15 0.78 9.75 4.77
N SER C 16 1.47 9.48 5.87
CA SER C 16 1.76 8.13 6.29
C SER C 16 0.48 7.29 6.33
N VAL C 17 0.52 6.13 5.69
CA VAL C 17 -0.64 5.25 5.67
C VAL C 17 -0.79 4.50 6.98
N GLU C 18 0.32 4.06 7.56
CA GLU C 18 0.26 3.31 8.81
C GLU C 18 0.81 4.16 9.96
N GLU C 19 0.58 3.74 11.20
CA GLU C 19 1.09 4.47 12.37
C GLU C 19 2.59 4.29 12.49
N GLY C 20 3.24 5.15 13.28
CA GLY C 20 4.67 5.03 13.46
C GLY C 20 5.48 6.25 13.10
N ASP C 21 6.74 6.24 13.54
CA ASP C 21 7.68 7.32 13.27
C ASP C 21 7.90 7.40 11.76
N LEU C 22 8.08 8.60 11.24
CA LEU C 22 8.31 8.79 9.81
C LEU C 22 9.45 7.92 9.32
N LYS C 23 10.40 7.65 10.22
CA LYS C 23 11.54 6.83 9.90
C LYS C 23 11.13 5.43 9.47
N ASP C 24 10.08 4.90 10.09
CA ASP C 24 9.63 3.55 9.80
C ASP C 24 8.42 3.42 8.89
N VAL C 25 7.72 4.52 8.63
CA VAL C 25 6.55 4.47 7.76
C VAL C 25 6.95 3.94 6.38
N ARG C 26 6.26 2.90 5.92
CA ARG C 26 6.58 2.30 4.62
C ARG C 26 5.76 2.83 3.45
N LEU C 27 4.51 3.24 3.71
CA LEU C 27 3.65 3.71 2.63
C LEU C 27 3.09 5.12 2.85
N PHE C 28 3.08 5.90 1.78
CA PHE C 28 2.58 7.26 1.84
C PHE C 28 1.54 7.49 0.75
N GLU C 29 0.49 8.23 1.08
CA GLU C 29 -0.55 8.57 0.10
C GLU C 29 -0.47 10.07 -0.13
N LYS C 30 -0.39 10.50 -1.38
CA LYS C 30 -0.27 11.93 -1.65
C LYS C 30 -1.61 12.65 -1.71
N HIS C 31 -1.65 13.86 -1.17
CA HIS C 31 -2.86 14.69 -1.14
C HIS C 31 -2.48 16.17 -1.25
N PRO C 32 -3.40 17.01 -1.74
CA PRO C 32 -3.11 18.45 -1.87
C PRO C 32 -3.01 18.99 -0.45
N GLY C 33 -2.07 19.89 -0.20
CA GLY C 33 -1.93 20.45 1.14
C GLY C 33 -1.40 21.88 1.18
N GLY C 34 -1.24 22.39 2.38
CA GLY C 34 -0.77 23.76 2.56
C GLY C 34 -1.91 24.53 3.19
N ALA C 35 -1.70 25.04 4.40
CA ALA C 35 -2.72 25.78 5.13
C ALA C 35 -3.53 26.80 4.32
N PRO C 36 -2.86 27.74 3.61
CA PRO C 36 -3.59 28.73 2.81
C PRO C 36 -4.43 28.08 1.73
N ALA C 37 -3.92 26.98 1.17
CA ALA C 37 -4.62 26.25 0.13
C ALA C 37 -5.81 25.54 0.76
N ASN C 38 -5.59 24.98 1.94
CA ASN C 38 -6.65 24.29 2.66
C ASN C 38 -7.80 25.26 2.98
N VAL C 39 -7.46 26.49 3.36
CA VAL C 39 -8.47 27.51 3.67
C VAL C 39 -9.23 27.97 2.41
N ALA C 40 -8.52 28.12 1.29
CA ALA C 40 -9.15 28.54 0.05
C ALA C 40 -10.19 27.51 -0.39
N VAL C 41 -9.85 26.22 -0.27
CA VAL C 41 -10.78 25.17 -0.65
C VAL C 41 -11.97 25.17 0.31
N GLY C 42 -11.70 25.32 1.59
CA GLY C 42 -12.77 25.35 2.57
C GLY C 42 -13.73 26.51 2.33
N VAL C 43 -13.20 27.65 1.92
CA VAL C 43 -14.02 28.83 1.64
C VAL C 43 -14.91 28.54 0.44
N SER C 44 -14.30 27.98 -0.59
CA SER C 44 -15.03 27.64 -1.80
C SER C 44 -16.16 26.65 -1.54
N ARG C 45 -15.89 25.65 -0.70
CA ARG C 45 -16.89 24.65 -0.37
C ARG C 45 -18.01 25.24 0.48
N LEU C 46 -17.75 26.37 1.11
CA LEU C 46 -18.76 27.01 1.95
C LEU C 46 -19.67 27.93 1.14
N GLY C 47 -19.40 28.03 -0.16
CA GLY C 47 -20.23 28.84 -1.03
C GLY C 47 -19.67 30.19 -1.45
N VAL C 48 -18.46 30.51 -1.03
CA VAL C 48 -17.84 31.78 -1.39
C VAL C 48 -16.74 31.62 -2.43
N LYS C 49 -16.65 32.59 -3.34
CA LYS C 49 -15.63 32.56 -4.39
C LYS C 49 -14.26 32.73 -3.73
N SER C 50 -13.44 31.70 -3.84
CA SER C 50 -12.11 31.70 -3.24
C SER C 50 -11.00 31.77 -4.27
N SER C 51 -9.89 32.40 -3.88
CA SER C 51 -8.75 32.57 -4.75
C SER C 51 -7.46 32.16 -4.01
N LEU C 52 -6.51 31.58 -4.74
CA LEU C 52 -5.25 31.19 -4.13
C LEU C 52 -4.07 31.71 -4.92
N ILE C 53 -3.12 32.29 -4.21
CA ILE C 53 -1.91 32.80 -4.84
C ILE C 53 -0.75 32.01 -4.25
N SER C 54 -0.05 31.27 -5.12
CA SER C 54 1.07 30.45 -4.67
C SER C 54 1.98 30.13 -5.84
N LYS C 55 2.84 29.14 -5.65
CA LYS C 55 3.77 28.76 -6.70
C LYS C 55 4.16 27.28 -6.61
N VAL C 56 4.02 26.58 -7.72
CA VAL C 56 4.37 25.17 -7.79
C VAL C 56 5.44 25.00 -8.84
N GLY C 57 6.08 23.83 -8.85
CA GLY C 57 7.12 23.60 -9.84
C GLY C 57 6.47 23.13 -11.13
N ASN C 58 7.21 23.23 -12.24
CA ASN C 58 6.69 22.78 -13.52
C ASN C 58 6.99 21.29 -13.57
N ASP C 59 6.24 20.53 -12.80
CA ASP C 59 6.40 19.10 -12.71
C ASP C 59 5.05 18.43 -12.54
N PRO C 60 5.02 17.08 -12.54
CA PRO C 60 3.76 16.35 -12.38
C PRO C 60 2.97 16.73 -11.12
N PHE C 61 3.67 16.98 -10.02
CA PHE C 61 3.02 17.35 -8.76
C PHE C 61 2.41 18.76 -8.81
N GLY C 62 3.08 19.66 -9.53
CA GLY C 62 2.55 21.00 -9.65
C GLY C 62 1.23 20.91 -10.40
N GLU C 63 1.22 20.14 -11.49
CA GLU C 63 0.01 19.95 -12.29
C GLU C 63 -1.13 19.33 -11.49
N TYR C 64 -0.80 18.36 -10.65
CA TYR C 64 -1.76 17.67 -9.81
C TYR C 64 -2.49 18.66 -8.89
N LEU C 65 -1.71 19.50 -8.20
CA LEU C 65 -2.27 20.47 -7.28
C LEU C 65 -3.23 21.45 -7.96
N ILE C 66 -2.82 21.96 -9.12
CA ILE C 66 -3.66 22.89 -9.86
C ILE C 66 -4.97 22.21 -10.27
N GLU C 67 -4.89 20.91 -10.59
CA GLU C 67 -6.07 20.15 -10.98
C GLU C 67 -7.03 19.90 -9.83
N GLU C 68 -6.49 19.58 -8.66
CA GLU C 68 -7.34 19.33 -7.51
C GLU C 68 -8.07 20.61 -7.09
N LEU C 69 -7.36 21.73 -7.10
CA LEU C 69 -7.95 23.00 -6.72
C LEU C 69 -9.06 23.37 -7.70
N SER C 70 -8.84 23.10 -8.98
CA SER C 70 -9.85 23.39 -10.01
C SER C 70 -11.15 22.66 -9.70
N LYS C 71 -11.04 21.38 -9.37
CA LYS C 71 -12.20 20.56 -9.04
C LYS C 71 -12.97 21.18 -7.88
N GLU C 72 -12.27 21.99 -7.10
CA GLU C 72 -12.89 22.64 -5.95
C GLU C 72 -13.42 24.02 -6.30
N ASN C 73 -13.19 24.44 -7.55
CA ASN C 73 -13.66 25.74 -8.05
C ASN C 73 -12.83 26.91 -7.56
N VAL C 74 -11.64 26.61 -7.05
CA VAL C 74 -10.74 27.65 -6.55
C VAL C 74 -10.05 28.30 -7.74
N ASP C 75 -10.01 29.63 -7.75
CA ASP C 75 -9.35 30.31 -8.84
C ASP C 75 -7.85 30.03 -8.75
N THR C 76 -7.27 29.51 -9.82
CA THR C 76 -5.86 29.16 -9.85
C THR C 76 -5.00 30.02 -10.77
N ARG C 77 -5.58 31.04 -11.39
CA ARG C 77 -4.82 31.90 -12.29
C ARG C 77 -3.67 32.58 -11.56
N GLY C 78 -3.76 32.64 -10.24
CA GLY C 78 -2.72 33.28 -9.45
C GLY C 78 -1.62 32.33 -9.03
N ILE C 79 -1.68 31.08 -9.50
CA ILE C 79 -0.67 30.09 -9.16
C ILE C 79 0.35 30.00 -10.29
N VAL C 80 1.59 30.37 -9.99
CA VAL C 80 2.65 30.35 -10.99
C VAL C 80 3.45 29.03 -10.95
N LYS C 81 4.09 28.70 -12.06
CA LYS C 81 4.92 27.49 -12.13
C LYS C 81 6.39 27.89 -12.12
N ASP C 82 7.19 27.21 -11.32
CA ASP C 82 8.61 27.49 -11.21
C ASP C 82 9.39 26.58 -12.16
N GLU C 83 10.34 27.15 -12.90
CA GLU C 83 11.14 26.38 -13.85
C GLU C 83 12.37 25.75 -13.23
N LYS C 84 12.73 26.22 -12.04
CA LYS C 84 13.92 25.71 -11.38
C LYS C 84 13.62 24.92 -10.11
N LYS C 85 12.67 25.40 -9.33
CA LYS C 85 12.30 24.76 -8.07
C LYS C 85 11.17 23.75 -8.24
N HIS C 86 11.26 22.65 -7.48
CA HIS C 86 10.23 21.63 -7.55
C HIS C 86 9.09 21.91 -6.59
N THR C 87 7.92 21.37 -6.92
CA THR C 87 6.74 21.55 -6.11
C THR C 87 6.99 21.22 -4.65
N GLY C 88 6.39 22.00 -3.76
CA GLY C 88 6.54 21.77 -2.33
C GLY C 88 6.06 20.41 -1.89
N ILE C 89 6.74 19.85 -0.90
CA ILE C 89 6.38 18.56 -0.36
C ILE C 89 6.66 18.50 1.14
N VAL C 90 5.85 17.72 1.84
CA VAL C 90 6.02 17.53 3.26
C VAL C 90 5.51 16.13 3.59
N PHE C 91 6.32 15.38 4.32
CA PHE C 91 5.94 14.03 4.73
C PHE C 91 5.25 14.18 6.06
N VAL C 92 4.04 13.63 6.15
CA VAL C 92 3.23 13.76 7.34
C VAL C 92 2.84 12.50 8.08
N GLN C 93 2.89 12.57 9.40
CA GLN C 93 2.45 11.47 10.25
C GLN C 93 1.41 12.08 11.18
N LEU C 94 0.14 11.75 10.94
CA LEU C 94 -0.95 12.28 11.77
C LEU C 94 -1.09 11.56 13.10
N LYS C 95 -1.03 10.23 13.08
CA LYS C 95 -1.16 9.44 14.31
C LYS C 95 -0.02 9.69 15.29
N GLY C 96 -0.21 9.21 16.51
CA GLY C 96 0.80 9.39 17.54
C GLY C 96 0.43 10.49 18.51
N ALA C 97 1.23 10.65 19.56
CA ALA C 97 0.98 11.68 20.56
C ALA C 97 1.94 12.84 20.29
N SER C 98 2.22 13.03 19.00
CA SER C 98 3.09 14.10 18.54
C SER C 98 3.17 14.10 17.01
N PRO C 99 2.10 14.56 16.32
CA PRO C 99 2.14 14.57 14.86
C PRO C 99 3.44 15.19 14.35
N SER C 100 4.17 14.42 13.57
CA SER C 100 5.43 14.88 13.03
C SER C 100 5.33 15.18 11.54
N PHE C 101 6.33 15.89 11.03
CA PHE C 101 6.38 16.23 9.63
C PHE C 101 7.82 16.47 9.23
N LEU C 102 8.09 16.30 7.94
CA LEU C 102 9.42 16.56 7.41
C LEU C 102 9.12 17.36 6.15
N LEU C 103 9.44 18.64 6.21
CA LEU C 103 9.19 19.55 5.10
C LEU C 103 10.46 19.95 4.35
N TYR C 104 10.44 19.85 3.03
CA TYR C 104 11.58 20.25 2.22
C TYR C 104 11.44 21.73 1.91
N ASP C 105 12.50 22.49 2.16
CA ASP C 105 12.45 23.94 2.00
C ASP C 105 12.92 24.64 0.73
N ASP C 106 13.60 23.97 -0.19
CA ASP C 106 14.00 24.73 -1.37
C ASP C 106 13.05 24.40 -2.50
N VAL C 107 11.77 24.63 -2.24
CA VAL C 107 10.74 24.34 -3.22
C VAL C 107 10.08 25.58 -3.78
N ALA C 108 9.27 25.40 -4.81
CA ALA C 108 8.59 26.48 -5.50
C ALA C 108 7.83 27.53 -4.68
N TYR C 109 7.10 27.13 -3.65
CA TYR C 109 6.33 28.14 -2.90
C TYR C 109 7.17 29.10 -2.05
N PHE C 110 8.43 28.76 -1.79
CA PHE C 110 9.33 29.62 -1.02
C PHE C 110 10.10 30.53 -1.97
N ASN C 111 9.89 30.34 -3.27
CA ASN C 111 10.60 31.13 -4.30
C ASN C 111 9.70 32.10 -5.05
N THR C 113 8.44 35.83 -6.17
CA THR C 113 8.96 37.19 -6.29
C THR C 113 7.77 38.08 -6.61
N LEU C 114 7.96 39.39 -6.52
CA LEU C 114 6.88 40.33 -6.79
C LEU C 114 6.27 40.15 -8.17
N ASN C 115 7.08 39.71 -9.12
CA ASN C 115 6.61 39.51 -10.48
C ASN C 115 5.65 38.33 -10.58
N ASP C 116 5.61 37.49 -9.54
CA ASP C 116 4.72 36.34 -9.55
C ASP C 116 3.32 36.73 -9.04
N ILE C 117 3.21 37.93 -8.47
CA ILE C 117 1.94 38.38 -7.91
C ILE C 117 0.94 38.93 -8.91
N ASN C 118 -0.26 38.37 -8.90
CA ASN C 118 -1.33 38.81 -9.78
C ASN C 118 -2.09 39.82 -8.94
N TRP C 119 -1.72 41.09 -9.05
CA TRP C 119 -2.35 42.13 -8.26
C TRP C 119 -3.86 42.25 -8.48
N ASP C 120 -4.34 41.95 -9.67
CA ASP C 120 -5.77 42.04 -9.92
C ASP C 120 -6.52 41.17 -8.92
N ILE C 121 -6.09 39.91 -8.82
CA ILE C 121 -6.72 38.96 -7.93
C ILE C 121 -6.62 39.34 -6.45
N VAL C 122 -5.47 39.83 -6.01
CA VAL C 122 -5.33 40.21 -4.61
C VAL C 122 -6.24 41.37 -4.19
N GLU C 123 -6.49 42.29 -5.11
CA GLU C 123 -7.29 43.47 -4.81
C GLU C 123 -8.80 43.27 -4.80
N GLU C 124 -9.31 42.34 -5.60
CA GLU C 124 -10.75 42.08 -5.64
C GLU C 124 -11.24 41.66 -4.27
N ALA C 125 -10.48 40.74 -3.67
CA ALA C 125 -10.80 40.17 -2.37
C ALA C 125 -11.21 41.18 -1.30
N LYS C 126 -12.13 40.73 -0.45
CA LYS C 126 -12.65 41.51 0.66
C LYS C 126 -11.71 41.21 1.83
N ILE C 127 -11.18 39.98 1.83
CA ILE C 127 -10.27 39.51 2.87
C ILE C 127 -9.09 38.79 2.24
N VAL C 128 -7.89 39.13 2.69
CA VAL C 128 -6.68 38.48 2.19
C VAL C 128 -6.11 37.73 3.38
N ASN C 129 -5.99 36.42 3.20
CA ASN C 129 -5.49 35.51 4.20
C ASN C 129 -4.10 35.10 3.75
N PHE C 130 -3.08 35.30 4.58
CA PHE C 130 -1.73 34.92 4.17
C PHE C 130 -1.12 33.91 5.11
N GLY C 131 -0.31 33.02 4.54
CA GLY C 131 0.33 31.97 5.32
C GLY C 131 1.50 32.40 6.19
N SER C 132 1.79 31.58 7.19
CA SER C 132 2.89 31.82 8.11
C SER C 132 4.08 30.96 7.67
N VAL C 133 3.82 29.69 7.39
CA VAL C 133 4.88 28.79 6.97
C VAL C 133 5.67 29.34 5.78
N ILE C 134 4.98 29.94 4.81
CA ILE C 134 5.64 30.48 3.63
C ILE C 134 6.65 31.59 3.96
N LEU C 135 6.49 32.23 5.11
CA LEU C 135 7.37 33.32 5.52
C LEU C 135 8.72 32.82 6.06
N ALA C 136 8.86 31.51 6.20
CA ALA C 136 10.10 30.96 6.72
C ALA C 136 11.30 31.20 5.83
N ARG C 137 11.06 31.43 4.55
CA ARG C 137 12.18 31.63 3.62
C ARG C 137 11.95 32.73 2.60
N ASN C 138 13.06 33.28 2.12
CA ASN C 138 13.04 34.31 1.09
C ASN C 138 13.26 33.58 -0.23
N PRO C 139 12.88 34.22 -1.35
CA PRO C 139 12.28 35.55 -1.43
C PRO C 139 10.78 35.62 -1.10
N SER C 140 10.13 34.47 -0.88
CA SER C 140 8.70 34.50 -0.59
C SER C 140 8.36 35.34 0.64
N ARG C 141 9.19 35.27 1.67
CA ARG C 141 8.93 36.06 2.86
C ARG C 141 8.79 37.55 2.54
N GLU C 142 9.81 38.12 1.91
CA GLU C 142 9.78 39.54 1.54
C GLU C 142 8.64 39.85 0.60
N THR C 143 8.42 38.96 -0.37
CA THR C 143 7.36 39.13 -1.34
C THR C 143 5.99 39.21 -0.69
N VAL C 144 5.70 38.27 0.19
CA VAL C 144 4.39 38.26 0.85
C VAL C 144 4.22 39.45 1.77
N LYS C 146 5.43 42.36 1.41
CA LYS C 146 5.17 43.52 0.56
C LYS C 146 3.72 43.53 0.07
N VAL C 147 3.27 42.39 -0.44
CA VAL C 147 1.91 42.28 -0.92
C VAL C 147 0.92 42.71 0.16
N ILE C 148 1.13 42.21 1.38
CA ILE C 148 0.25 42.53 2.50
C ILE C 148 0.34 44.01 2.91
N LYS C 149 1.56 44.55 3.00
CA LYS C 149 1.72 45.95 3.38
C LYS C 149 1.04 46.89 2.39
N LYS C 150 0.90 46.42 1.16
CA LYS C 150 0.28 47.21 0.10
C LYS C 150 -1.25 47.20 0.08
N ILE C 151 -1.85 46.09 0.50
CA ILE C 151 -3.31 45.96 0.52
C ILE C 151 -3.91 46.17 1.91
N LYS C 152 -3.05 46.27 2.91
CA LYS C 152 -3.42 46.49 4.30
C LYS C 152 -4.39 47.67 4.58
N GLY C 153 -4.47 48.65 3.69
CA GLY C 153 -5.38 49.77 3.94
C GLY C 153 -6.73 49.76 3.23
N SER C 154 -7.01 48.71 2.48
CA SER C 154 -8.29 48.61 1.76
C SER C 154 -9.05 47.32 2.07
N SER C 155 -8.29 46.26 2.31
CA SER C 155 -8.88 44.96 2.60
C SER C 155 -8.61 44.48 4.01
N LEU C 156 -9.45 43.55 4.46
CA LEU C 156 -9.28 42.97 5.78
C LEU C 156 -8.19 41.92 5.60
N ILE C 157 -7.34 41.80 6.61
CA ILE C 157 -6.24 40.83 6.55
C ILE C 157 -6.37 39.76 7.63
N ALA C 158 -6.22 38.50 7.21
CA ALA C 158 -6.31 37.38 8.13
C ALA C 158 -4.98 36.65 8.17
N PHE C 159 -4.62 36.19 9.37
CA PHE C 159 -3.36 35.50 9.59
C PHE C 159 -3.48 34.41 10.66
N ASP C 160 -3.10 33.18 10.29
CA ASP C 160 -3.10 32.05 11.19
C ASP C 160 -1.62 31.93 11.58
N VAL C 161 -1.32 32.17 12.85
CA VAL C 161 0.07 32.12 13.31
C VAL C 161 0.78 30.81 12.92
N ASN C 162 0.06 29.69 12.92
CA ASN C 162 0.58 28.37 12.53
C ASN C 162 2.09 28.27 12.71
N LEU C 163 2.53 28.34 13.97
CA LEU C 163 3.94 28.34 14.33
C LEU C 163 4.71 27.02 14.21
N ARG C 164 5.80 27.05 13.45
CA ARG C 164 6.64 25.88 13.24
C ARG C 164 8.10 26.23 13.51
N LEU C 165 8.49 26.11 14.77
CA LEU C 165 9.85 26.44 15.18
C LEU C 165 10.91 25.77 14.31
N ASP C 166 10.66 24.52 13.94
CA ASP C 166 11.60 23.77 13.12
C ASP C 166 11.98 24.51 11.84
N LEU C 167 11.03 25.19 11.23
CA LEU C 167 11.30 25.93 10.00
C LEU C 167 12.15 27.18 10.24
N TRP C 168 12.31 27.56 11.51
CA TRP C 168 13.08 28.76 11.84
C TRP C 168 14.37 28.52 12.60
N ARG C 169 14.76 27.26 12.77
CA ARG C 169 15.99 26.97 13.51
C ARG C 169 17.16 27.76 12.94
N GLY C 170 17.92 28.38 13.84
CA GLY C 170 19.06 29.17 13.40
C GLY C 170 18.70 30.63 13.11
N GLN C 171 17.42 30.96 13.21
CA GLN C 171 16.97 32.32 12.96
C GLN C 171 15.69 32.63 13.74
N GLU C 172 15.58 32.02 14.92
CA GLU C 172 14.40 32.23 15.74
C GLU C 172 14.19 33.70 16.10
N GLU C 173 15.26 34.50 16.03
CA GLU C 173 15.17 35.92 16.32
C GLU C 173 14.40 36.62 15.21
N GLU C 174 14.73 36.28 13.97
CA GLU C 174 14.06 36.87 12.82
C GLU C 174 12.60 36.40 12.82
N ILE C 176 10.64 35.86 15.38
CA ILE C 176 9.90 36.68 16.32
C ILE C 176 9.45 37.99 15.66
N LYS C 177 10.38 38.66 14.99
CA LYS C 177 10.08 39.92 14.31
C LYS C 177 9.06 39.76 13.19
N VAL C 178 9.28 38.77 12.34
CA VAL C 178 8.39 38.50 11.22
C VAL C 178 6.97 38.24 11.72
N LEU C 179 6.85 37.37 12.72
CA LEU C 179 5.56 37.03 13.30
C LEU C 179 4.86 38.24 13.92
N GLU C 180 5.62 39.03 14.67
CA GLU C 180 5.06 40.21 15.31
C GLU C 180 4.60 41.20 14.24
N GLU C 181 5.41 41.39 13.22
CA GLU C 181 5.05 42.30 12.14
C GLU C 181 3.81 41.79 11.38
N SER C 182 3.76 40.48 11.13
CA SER C 182 2.62 39.89 10.43
C SER C 182 1.35 40.10 11.25
N ILE C 183 1.46 39.88 12.55
CA ILE C 183 0.32 40.06 13.45
C ILE C 183 -0.15 41.51 13.44
N LYS C 184 0.79 42.45 13.50
CA LYS C 184 0.42 43.86 13.50
C LYS C 184 -0.24 44.29 12.19
N LEU C 185 -0.07 43.50 11.14
CA LEU C 185 -0.66 43.79 9.85
C LEU C 185 -2.04 43.15 9.69
N ALA C 186 -2.34 42.20 10.55
CA ALA C 186 -3.59 41.45 10.48
C ALA C 186 -4.77 41.99 11.29
N ASP C 187 -5.95 41.89 10.70
CA ASP C 187 -7.18 42.33 11.36
C ASP C 187 -7.80 41.13 12.07
N ILE C 188 -7.63 39.95 11.45
CA ILE C 188 -8.16 38.71 11.98
C ILE C 188 -7.00 37.75 12.25
N VAL C 189 -6.78 37.44 13.51
CA VAL C 189 -5.69 36.56 13.89
C VAL C 189 -6.18 35.25 14.51
N LYS C 190 -5.63 34.14 14.01
CA LYS C 190 -5.95 32.82 14.53
C LYS C 190 -4.67 32.25 15.10
N ALA C 191 -4.77 31.65 16.29
CA ALA C 191 -3.61 31.05 16.93
C ALA C 191 -4.07 30.06 18.00
N SER C 192 -3.16 29.16 18.39
CA SER C 192 -3.48 28.20 19.43
C SER C 192 -3.03 28.83 20.72
N GLU C 193 -3.52 28.28 21.84
CA GLU C 193 -3.13 28.79 23.15
C GLU C 193 -1.62 28.65 23.33
N GLU C 194 -1.10 27.49 22.95
CA GLU C 194 0.34 27.23 23.06
C GLU C 194 1.14 28.33 22.38
N GLU C 195 0.74 28.67 21.16
CA GLU C 195 1.42 29.71 20.39
C GLU C 195 1.30 31.07 21.08
N VAL C 196 0.13 31.36 21.64
CA VAL C 196 -0.06 32.63 22.32
C VAL C 196 0.94 32.76 23.47
N LEU C 197 1.01 31.71 24.28
CA LEU C 197 1.92 31.69 25.42
C LEU C 197 3.37 31.84 24.98
N TYR C 198 3.75 31.09 23.96
CA TYR C 198 5.12 31.14 23.46
C TYR C 198 5.51 32.54 22.98
N LEU C 199 4.65 33.12 22.14
CA LEU C 199 4.91 34.45 21.60
C LEU C 199 4.90 35.57 22.62
N GLU C 200 4.08 35.46 23.66
CA GLU C 200 4.05 36.50 24.67
C GLU C 200 5.32 36.46 25.51
N ASN C 201 5.79 35.25 25.82
CA ASN C 201 7.01 35.09 26.60
C ASN C 201 8.13 35.77 25.83
N GLN C 202 7.89 35.99 24.54
CA GLN C 202 8.86 36.65 23.68
C GLN C 202 8.50 38.12 23.56
N GLY C 203 7.48 38.54 24.33
CA GLY C 203 7.05 39.92 24.32
C GLY C 203 6.20 40.30 23.11
N VAL C 204 5.61 39.30 22.45
CA VAL C 204 4.78 39.55 21.29
C VAL C 204 3.31 39.29 21.57
N GLU C 205 2.51 40.34 21.46
CA GLU C 205 1.08 40.23 21.70
C GLU C 205 0.43 39.58 20.49
N VAL C 206 -0.37 38.54 20.74
CA VAL C 206 -1.06 37.82 19.68
C VAL C 206 -2.53 38.23 19.60
N LYS C 207 -2.81 39.30 18.86
CA LYS C 207 -4.16 39.81 18.71
C LYS C 207 -4.39 40.48 17.35
N GLY C 208 -5.58 40.27 16.79
CA GLY C 208 -5.89 40.92 15.53
C GLY C 208 -6.44 42.29 15.86
N SER C 209 -6.42 43.22 14.92
CA SER C 209 -6.95 44.55 15.19
C SER C 209 -8.48 44.53 15.28
N LEU C 211 -10.46 41.00 15.23
CA LEU C 211 -10.87 39.75 15.85
C LEU C 211 -9.70 38.79 16.10
N THR C 212 -9.73 38.11 17.24
CA THR C 212 -8.68 37.15 17.59
C THR C 212 -9.34 35.84 17.98
N ALA C 213 -8.99 34.77 17.27
CA ALA C 213 -9.54 33.45 17.56
C ALA C 213 -8.42 32.57 18.12
N ILE C 214 -8.51 32.24 19.40
CA ILE C 214 -7.52 31.40 20.05
C ILE C 214 -8.05 29.99 20.22
N THR C 215 -7.35 29.01 19.64
CA THR C 215 -7.76 27.62 19.75
C THR C 215 -7.21 27.04 21.05
N LEU C 216 -8.07 26.39 21.81
CA LEU C 216 -7.70 25.82 23.11
C LEU C 216 -7.72 24.29 23.08
N GLY C 217 -6.89 23.69 22.24
CA GLY C 217 -6.85 22.26 22.14
C GLY C 217 -8.25 21.73 21.81
N PRO C 218 -8.53 20.46 22.10
CA PRO C 218 -9.83 19.83 21.82
C PRO C 218 -10.98 20.47 22.58
N LYS C 219 -10.66 21.11 23.71
CA LYS C 219 -11.67 21.77 24.54
C LYS C 219 -12.55 22.67 23.69
N GLY C 220 -11.90 23.52 22.91
CA GLY C 220 -12.62 24.45 22.05
C GLY C 220 -11.77 25.65 21.71
N PHE C 221 -12.42 26.76 21.41
CA PHE C 221 -11.71 27.97 21.06
C PHE C 221 -12.32 29.19 21.75
N ARG C 222 -11.62 30.31 21.67
CA ARG C 222 -12.07 31.56 22.28
C ARG C 222 -12.01 32.69 21.25
N LEU C 223 -13.07 33.48 21.16
CA LEU C 223 -13.11 34.60 20.23
C LEU C 223 -13.04 35.92 20.99
N ILE C 224 -12.12 36.80 20.58
CA ILE C 224 -11.96 38.08 21.24
C ILE C 224 -12.14 39.23 20.25
N LYS C 225 -13.09 40.11 20.54
CA LYS C 225 -13.35 41.27 19.70
C LYS C 225 -13.08 42.48 20.57
N ASN C 226 -11.90 43.07 20.43
CA ASN C 226 -11.51 44.24 21.23
C ASN C 226 -11.34 43.78 22.68
N GLU C 227 -12.32 44.08 23.53
CA GLU C 227 -12.25 43.67 24.93
C GLU C 227 -13.34 42.64 25.25
N THR C 228 -14.16 42.33 24.25
CA THR C 228 -15.25 41.37 24.40
C THR C 228 -14.78 39.95 24.09
N VAL C 229 -14.86 39.07 25.09
CA VAL C 229 -14.44 37.68 24.92
C VAL C 229 -15.63 36.73 24.91
N VAL C 230 -15.50 35.64 24.14
CA VAL C 230 -16.55 34.64 24.03
C VAL C 230 -15.96 33.25 23.86
N ASP C 231 -16.12 32.41 24.88
CA ASP C 231 -15.62 31.04 24.86
C ASP C 231 -16.64 30.10 24.25
N VAL C 232 -16.15 29.14 23.45
CA VAL C 232 -17.02 28.17 22.80
C VAL C 232 -16.50 26.75 22.95
N PRO C 233 -17.27 25.88 23.62
CA PRO C 233 -16.86 24.49 23.82
C PRO C 233 -17.09 23.71 22.52
N SER C 234 -16.17 22.80 22.19
CA SER C 234 -16.29 22.01 20.97
C SER C 234 -17.40 20.95 21.03
N TYR C 235 -18.35 21.05 20.11
CA TYR C 235 -19.47 20.09 20.06
C TYR C 235 -18.99 18.68 20.36
N ASN C 236 -19.71 18.00 21.25
CA ASN C 236 -19.36 16.65 21.64
C ASN C 236 -19.70 15.62 20.55
N VAL C 237 -18.77 15.46 19.61
CA VAL C 237 -18.95 14.51 18.50
C VAL C 237 -17.88 13.42 18.57
N ASN C 238 -18.05 12.38 17.76
CA ASN C 238 -17.09 11.28 17.73
C ASN C 238 -16.23 11.37 16.46
N PRO C 239 -15.02 11.94 16.59
CA PRO C 239 -14.04 12.14 15.51
C PRO C 239 -13.67 10.96 14.61
N LEU C 240 -13.17 11.31 13.43
CA LEU C 240 -12.71 10.37 12.41
C LEU C 240 -11.42 10.92 11.79
N ASP C 241 -11.30 12.25 11.80
CA ASP C 241 -10.13 12.94 11.25
C ASP C 241 -10.21 14.45 11.40
N THR C 242 -9.36 14.97 12.28
CA THR C 242 -9.28 16.40 12.58
C THR C 242 -8.16 17.09 11.82
N THR C 243 -7.67 16.43 10.78
CA THR C 243 -6.58 16.99 9.99
C THR C 243 -6.71 18.47 9.64
N GLY C 244 -7.54 18.76 8.64
CA GLY C 244 -7.73 20.14 8.21
C GLY C 244 -8.84 20.82 8.99
N ALA C 245 -9.16 20.29 10.16
CA ALA C 245 -10.21 20.87 10.99
C ALA C 245 -9.90 22.34 11.26
N GLY C 246 -8.63 22.62 11.56
CA GLY C 246 -8.19 23.98 11.84
C GLY C 246 -8.35 24.93 10.67
N ASP C 247 -8.06 24.45 9.47
CA ASP C 247 -8.18 25.30 8.29
C ASP C 247 -9.65 25.43 7.90
N ALA C 248 -10.44 24.40 8.22
CA ALA C 248 -11.88 24.43 7.94
C ALA C 248 -12.46 25.50 8.86
N PHE C 249 -11.99 25.50 10.10
CA PHE C 249 -12.41 26.47 11.10
C PHE C 249 -12.08 27.89 10.63
N ALA C 251 -11.59 28.92 7.55
CA ALA C 251 -12.41 29.22 6.39
C ALA C 251 -13.80 29.67 6.84
N ALA C 252 -14.37 28.94 7.80
CA ALA C 252 -15.69 29.25 8.33
C ALA C 252 -15.69 30.62 9.00
N LEU C 253 -14.60 30.94 9.66
CA LEU C 253 -14.47 32.21 10.36
C LEU C 253 -14.47 33.38 9.37
N LEU C 254 -13.66 33.27 8.33
CA LEU C 254 -13.56 34.30 7.31
C LEU C 254 -14.88 34.43 6.53
N VAL C 255 -15.55 33.30 6.33
CA VAL C 255 -16.83 33.32 5.61
C VAL C 255 -17.89 33.95 6.52
N GLY C 256 -17.89 33.57 7.80
CA GLY C 256 -18.85 34.10 8.74
C GLY C 256 -18.68 35.58 8.99
N ILE C 257 -17.46 36.08 8.80
CA ILE C 257 -17.16 37.49 9.00
C ILE C 257 -17.64 38.23 7.76
N LEU C 258 -17.41 37.62 6.63
CA LEU C 258 -17.79 38.20 5.35
C LEU C 258 -19.28 37.98 5.01
N LYS C 259 -19.96 37.12 5.78
CA LYS C 259 -21.37 36.84 5.54
C LYS C 259 -22.30 37.54 6.53
N LEU C 260 -21.98 37.46 7.81
CA LEU C 260 -22.80 38.11 8.83
C LEU C 260 -22.62 39.62 8.62
N LYS C 261 -23.31 40.43 9.43
CA LYS C 261 -23.20 41.88 9.28
C LYS C 261 -22.68 42.60 10.50
N GLY C 262 -23.26 42.30 11.66
CA GLY C 262 -22.86 42.97 12.88
C GLY C 262 -21.76 42.28 13.65
N LEU C 263 -20.88 41.61 12.91
CA LEU C 263 -19.75 40.88 13.50
C LEU C 263 -20.07 40.55 14.95
N ASP C 264 -20.93 39.56 15.18
CA ASP C 264 -21.27 39.18 16.55
C ASP C 264 -20.71 37.78 16.85
N LEU C 265 -19.87 37.74 17.88
CA LEU C 265 -19.16 36.54 18.33
C LEU C 265 -20.02 35.32 18.65
N LEU C 266 -21.26 35.55 19.09
CA LEU C 266 -22.15 34.44 19.42
C LEU C 266 -22.40 33.58 18.20
N LYS C 267 -23.06 34.15 17.20
CA LYS C 267 -23.36 33.44 15.97
C LYS C 267 -22.06 32.88 15.39
N LEU C 268 -21.15 33.79 15.05
CA LEU C 268 -19.86 33.42 14.48
C LEU C 268 -19.25 32.20 15.15
N GLY C 269 -19.21 32.23 16.48
CA GLY C 269 -18.66 31.11 17.24
C GLY C 269 -19.42 29.82 17.00
N LYS C 270 -20.74 29.90 16.84
CA LYS C 270 -21.56 28.72 16.62
C LYS C 270 -21.32 28.12 15.25
N PHE C 271 -21.26 28.98 14.23
CA PHE C 271 -21.03 28.53 12.86
C PHE C 271 -19.67 27.87 12.68
N ALA C 272 -18.63 28.49 13.23
CA ALA C 272 -17.28 27.96 13.11
C ALA C 272 -17.13 26.65 13.88
N ASN C 273 -17.79 26.56 15.03
CA ASN C 273 -17.74 25.36 15.84
C ASN C 273 -18.41 24.20 15.09
N LEU C 274 -19.47 24.52 14.35
CA LEU C 274 -20.20 23.53 13.57
C LEU C 274 -19.34 22.99 12.44
N VAL C 275 -18.78 23.91 11.65
CA VAL C 275 -17.93 23.54 10.51
C VAL C 275 -16.70 22.78 11.00
N ALA C 276 -16.13 23.25 12.11
CA ALA C 276 -14.94 22.62 12.66
C ALA C 276 -15.25 21.20 13.15
N ALA C 277 -16.45 20.99 13.70
CA ALA C 277 -16.83 19.68 14.22
C ALA C 277 -17.04 18.69 13.09
N LEU C 278 -17.82 19.11 12.09
CA LEU C 278 -18.10 18.28 10.94
C LEU C 278 -16.87 18.09 10.07
N SER C 279 -15.81 18.85 10.35
CA SER C 279 -14.57 18.73 9.58
C SER C 279 -13.70 17.64 10.17
N THR C 280 -14.29 16.92 11.11
CA THR C 280 -13.60 15.81 11.74
C THR C 280 -14.22 14.54 11.19
N GLN C 281 -15.41 14.68 10.61
CA GLN C 281 -16.10 13.54 10.02
C GLN C 281 -15.38 13.17 8.72
N LYS C 282 -15.16 14.15 7.85
CA LYS C 282 -14.44 13.92 6.60
C LYS C 282 -12.96 13.78 6.94
N ARG C 283 -12.19 13.22 6.03
CA ARG C 283 -10.76 13.03 6.26
C ARG C 283 -9.92 13.80 5.24
N GLY C 284 -8.65 13.96 5.53
CA GLY C 284 -7.76 14.66 4.62
C GLY C 284 -7.57 16.13 4.98
N ALA C 285 -6.55 16.75 4.39
CA ALA C 285 -6.30 18.16 4.68
C ALA C 285 -7.51 18.99 4.28
N TRP C 286 -8.13 18.63 3.17
CA TRP C 286 -9.32 19.33 2.69
C TRP C 286 -10.56 18.64 3.27
N SER C 287 -10.81 18.86 4.55
CA SER C 287 -11.95 18.23 5.23
C SER C 287 -13.19 19.08 5.46
N THR C 288 -13.20 20.30 4.94
CA THR C 288 -14.34 21.20 5.12
C THR C 288 -15.59 20.64 4.44
N PRO C 289 -16.70 20.51 5.19
CA PRO C 289 -17.94 19.99 4.62
C PRO C 289 -18.53 20.93 3.58
N ARG C 290 -19.28 20.36 2.64
CA ARG C 290 -19.90 21.17 1.59
C ARG C 290 -21.08 21.96 2.11
N LYS C 291 -21.45 22.99 1.39
CA LYS C 291 -22.58 23.84 1.76
C LYS C 291 -23.89 23.06 1.88
N ASP C 292 -24.13 22.19 0.89
CA ASP C 292 -25.35 21.38 0.88
C ASP C 292 -25.52 20.50 2.12
N GLU C 293 -24.43 19.93 2.63
CA GLU C 293 -24.50 19.08 3.81
C GLU C 293 -24.51 19.87 5.12
N LEU C 294 -24.61 21.19 5.00
CA LEU C 294 -24.62 22.04 6.17
C LEU C 294 -25.96 22.76 6.33
N LEU C 295 -26.67 22.94 5.22
CA LEU C 295 -27.95 23.63 5.23
C LEU C 295 -29.00 23.07 6.19
N LYS C 296 -28.82 21.84 6.66
CA LYS C 296 -29.77 21.26 7.59
C LYS C 296 -29.45 21.68 9.02
N TYR C 297 -28.77 22.82 9.14
CA TYR C 297 -28.40 23.40 10.43
C TYR C 297 -28.71 24.90 10.28
N LYS C 298 -29.52 25.45 11.18
CA LYS C 298 -29.86 26.88 11.10
C LYS C 298 -28.61 27.75 11.25
N GLU C 299 -27.74 27.38 12.18
CA GLU C 299 -26.51 28.11 12.43
C GLU C 299 -25.79 28.32 11.10
N ALA C 300 -25.94 27.35 10.20
CA ALA C 300 -25.32 27.41 8.89
C ALA C 300 -26.22 28.13 7.90
N ARG C 301 -27.53 27.99 8.07
CA ARG C 301 -28.48 28.65 7.20
C ARG C 301 -28.39 30.17 7.29
N GLU C 302 -28.24 30.68 8.52
CA GLU C 302 -28.14 32.12 8.73
C GLU C 302 -26.96 32.69 7.93
N VAL C 303 -25.82 32.00 8.05
CA VAL C 303 -24.59 32.42 7.37
C VAL C 303 -24.59 32.15 5.87
N LEU C 304 -25.00 30.94 5.49
CA LEU C 304 -25.01 30.56 4.07
C LEU C 304 -26.28 31.00 3.34
N LEU D 3 -39.53 -0.61 -6.00
CA LEU D 3 -39.82 -0.38 -7.41
C LEU D 3 -38.98 -1.31 -8.25
N ILE D 4 -37.67 -1.21 -8.10
CA ILE D 4 -36.78 -2.13 -8.82
C ILE D 4 -35.96 -2.89 -7.81
N ALA D 5 -36.06 -4.21 -7.89
CA ALA D 5 -35.34 -5.07 -6.97
C ALA D 5 -34.37 -6.05 -7.63
N SER D 6 -33.21 -6.20 -7.01
CA SER D 6 -32.18 -7.10 -7.51
C SER D 6 -31.92 -8.23 -6.52
N ILE D 7 -31.63 -9.42 -7.04
CA ILE D 7 -31.35 -10.57 -6.22
C ILE D 7 -30.14 -11.31 -6.80
N GLY D 8 -29.08 -11.43 -6.01
CA GLY D 8 -27.89 -12.10 -6.46
C GLY D 8 -26.68 -11.88 -5.55
N GLU D 9 -25.50 -12.20 -6.08
CA GLU D 9 -24.27 -12.06 -5.32
C GLU D 9 -23.96 -10.65 -4.81
N LEU D 10 -23.52 -10.59 -3.56
CA LEU D 10 -23.11 -9.35 -2.89
C LEU D 10 -21.83 -9.82 -2.22
N LEU D 11 -20.71 -9.19 -2.56
CA LEU D 11 -19.44 -9.64 -2.01
C LEU D 11 -18.37 -8.57 -1.95
N ILE D 12 -17.23 -8.95 -1.38
CA ILE D 12 -16.09 -8.06 -1.26
C ILE D 12 -15.15 -8.29 -2.43
N ASP D 13 -14.82 -7.21 -3.13
CA ASP D 13 -13.85 -7.26 -4.21
C ASP D 13 -12.51 -6.83 -3.59
N LEU D 14 -11.49 -7.67 -3.73
CA LEU D 14 -10.18 -7.31 -3.23
C LEU D 14 -9.44 -7.04 -4.53
N ILE D 15 -9.39 -5.76 -4.87
CA ILE D 15 -8.80 -5.29 -6.12
C ILE D 15 -7.30 -5.04 -6.04
N SER D 16 -6.56 -5.73 -6.90
CA SER D 16 -5.11 -5.59 -6.96
C SER D 16 -4.74 -4.14 -7.19
N VAL D 17 -3.86 -3.62 -6.34
CA VAL D 17 -3.43 -2.24 -6.46
C VAL D 17 -2.41 -2.05 -7.58
N GLU D 18 -1.55 -3.04 -7.78
CA GLU D 18 -0.55 -2.95 -8.83
C GLU D 18 -0.85 -3.99 -9.90
N GLU D 19 -0.25 -3.83 -11.08
CA GLU D 19 -0.45 -4.79 -12.16
C GLU D 19 0.33 -6.07 -11.89
N GLY D 20 -0.02 -7.14 -12.60
CA GLY D 20 0.65 -8.41 -12.43
C GLY D 20 -0.28 -9.56 -12.11
N ASP D 21 0.24 -10.79 -12.18
CA ASP D 21 -0.58 -11.96 -11.87
C ASP D 21 -0.97 -11.94 -10.40
N LEU D 22 -2.15 -12.46 -10.09
CA LEU D 22 -2.61 -12.51 -8.71
C LEU D 22 -1.55 -13.13 -7.80
N LYS D 23 -0.78 -14.06 -8.36
CA LYS D 23 0.27 -14.74 -7.62
C LYS D 23 1.30 -13.74 -7.08
N ASP D 24 1.59 -12.71 -7.86
CA ASP D 24 2.59 -11.72 -7.48
C ASP D 24 2.08 -10.43 -6.83
N VAL D 25 0.82 -10.10 -7.02
CA VAL D 25 0.26 -8.88 -6.45
C VAL D 25 0.46 -8.83 -4.93
N ARG D 26 1.02 -7.71 -4.45
CA ARG D 26 1.31 -7.53 -3.03
C ARG D 26 0.22 -6.81 -2.24
N LEU D 27 -0.51 -5.93 -2.92
CA LEU D 27 -1.54 -5.13 -2.26
C LEU D 27 -2.92 -5.22 -2.87
N PHE D 28 -3.93 -5.28 -2.00
CA PHE D 28 -5.33 -5.34 -2.42
C PHE D 28 -6.12 -4.26 -1.69
N GLU D 29 -7.06 -3.65 -2.41
CA GLU D 29 -7.91 -2.61 -1.86
C GLU D 29 -9.33 -3.17 -1.89
N LYS D 30 -10.01 -3.18 -0.74
CA LYS D 30 -11.36 -3.72 -0.71
C LYS D 30 -12.47 -2.74 -1.07
N HIS D 31 -13.43 -3.23 -1.86
CA HIS D 31 -14.58 -2.46 -2.31
C HIS D 31 -15.80 -3.38 -2.38
N PRO D 32 -17.01 -2.82 -2.30
CA PRO D 32 -18.20 -3.66 -2.37
C PRO D 32 -18.32 -4.13 -3.82
N GLY D 33 -18.70 -5.39 -4.02
CA GLY D 33 -18.85 -5.91 -5.37
C GLY D 33 -20.06 -6.79 -5.58
N GLY D 34 -20.19 -7.36 -6.77
CA GLY D 34 -21.33 -8.20 -7.09
C GLY D 34 -22.23 -7.47 -8.07
N ALA D 35 -22.32 -7.98 -9.30
CA ALA D 35 -23.13 -7.36 -10.35
C ALA D 35 -24.51 -6.86 -9.92
N PRO D 36 -25.32 -7.74 -9.30
CA PRO D 36 -26.65 -7.33 -8.85
C PRO D 36 -26.61 -6.12 -7.92
N ALA D 37 -25.65 -6.11 -7.00
CA ALA D 37 -25.51 -5.02 -6.05
C ALA D 37 -25.04 -3.78 -6.78
N ASN D 38 -24.15 -3.94 -7.74
CA ASN D 38 -23.64 -2.82 -8.52
C ASN D 38 -24.78 -2.19 -9.33
N VAL D 39 -25.68 -3.01 -9.87
CA VAL D 39 -26.81 -2.50 -10.63
C VAL D 39 -27.77 -1.80 -9.68
N ALA D 40 -28.01 -2.42 -8.52
CA ALA D 40 -28.92 -1.86 -7.52
C ALA D 40 -28.51 -0.44 -7.12
N VAL D 41 -27.20 -0.20 -7.00
CA VAL D 41 -26.70 1.11 -6.64
C VAL D 41 -26.90 2.06 -7.81
N GLY D 42 -26.65 1.55 -9.02
CA GLY D 42 -26.80 2.37 -10.21
C GLY D 42 -28.23 2.86 -10.34
N VAL D 43 -29.18 1.96 -10.10
CA VAL D 43 -30.58 2.32 -10.19
C VAL D 43 -30.92 3.38 -9.16
N SER D 44 -30.33 3.25 -7.99
CA SER D 44 -30.59 4.20 -6.92
C SER D 44 -30.03 5.56 -7.26
N ARG D 45 -28.86 5.60 -7.89
CA ARG D 45 -28.27 6.87 -8.25
C ARG D 45 -29.06 7.54 -9.37
N LEU D 46 -29.80 6.74 -10.13
CA LEU D 46 -30.61 7.28 -11.22
C LEU D 46 -31.92 7.84 -10.71
N GLY D 47 -32.10 7.81 -9.39
CA GLY D 47 -33.31 8.35 -8.79
C GLY D 47 -34.45 7.36 -8.62
N VAL D 48 -34.18 6.09 -8.84
CA VAL D 48 -35.20 5.06 -8.69
C VAL D 48 -34.97 4.24 -7.43
N LYS D 49 -36.01 4.11 -6.61
CA LYS D 49 -35.89 3.34 -5.37
C LYS D 49 -35.52 1.91 -5.72
N SER D 50 -34.55 1.36 -5.01
CA SER D 50 -34.13 0.00 -5.29
C SER D 50 -33.70 -0.77 -4.06
N SER D 51 -33.89 -2.07 -4.12
CA SER D 51 -33.56 -2.96 -3.04
C SER D 51 -32.70 -4.11 -3.53
N LEU D 52 -32.05 -4.78 -2.59
CA LEU D 52 -31.21 -5.91 -2.94
C LEU D 52 -31.48 -7.06 -1.98
N ILE D 53 -31.72 -8.23 -2.55
CA ILE D 53 -31.95 -9.43 -1.76
C ILE D 53 -30.68 -10.24 -1.93
N SER D 54 -29.98 -10.47 -0.83
CA SER D 54 -28.74 -11.22 -0.88
C SER D 54 -28.43 -11.79 0.49
N LYS D 55 -27.24 -12.35 0.63
CA LYS D 55 -26.83 -12.93 1.90
C LYS D 55 -25.34 -12.77 2.14
N VAL D 56 -25.02 -12.14 3.27
CA VAL D 56 -23.63 -11.93 3.66
C VAL D 56 -23.39 -12.67 4.99
N GLY D 57 -22.14 -12.84 5.36
CA GLY D 57 -21.85 -13.53 6.60
C GLY D 57 -21.99 -12.58 7.77
N ASN D 58 -22.11 -13.13 8.97
CA ASN D 58 -22.21 -12.31 10.17
C ASN D 58 -20.77 -11.99 10.55
N ASP D 59 -20.14 -11.12 9.77
CA ASP D 59 -18.75 -10.73 10.02
C ASP D 59 -18.52 -9.27 9.63
N PRO D 60 -17.31 -8.76 9.91
CA PRO D 60 -17.00 -7.36 9.57
C PRO D 60 -17.24 -7.00 8.10
N PHE D 61 -16.91 -7.92 7.20
CA PHE D 61 -17.08 -7.67 5.77
C PHE D 61 -18.56 -7.57 5.45
N GLY D 62 -19.37 -8.38 6.12
CA GLY D 62 -20.81 -8.32 5.90
C GLY D 62 -21.37 -6.97 6.32
N GLU D 63 -20.91 -6.47 7.48
CA GLU D 63 -21.37 -5.19 8.00
C GLU D 63 -20.95 -4.05 7.07
N TYR D 64 -19.74 -4.17 6.54
CA TYR D 64 -19.19 -3.18 5.62
C TYR D 64 -20.08 -3.06 4.37
N LEU D 65 -20.43 -4.20 3.77
CA LEU D 65 -21.25 -4.20 2.56
C LEU D 65 -22.62 -3.58 2.79
N ILE D 66 -23.25 -3.91 3.91
CA ILE D 66 -24.56 -3.37 4.24
C ILE D 66 -24.45 -1.85 4.45
N GLU D 67 -23.37 -1.41 5.09
CA GLU D 67 -23.17 0.02 5.32
C GLU D 67 -23.00 0.77 4.01
N GLU D 68 -22.12 0.26 3.15
CA GLU D 68 -21.87 0.91 1.86
C GLU D 68 -23.13 0.99 1.01
N LEU D 69 -23.94 -0.06 1.01
CA LEU D 69 -25.18 -0.06 0.25
C LEU D 69 -26.14 0.97 0.84
N SER D 70 -26.18 1.01 2.17
CA SER D 70 -27.04 1.93 2.88
C SER D 70 -26.71 3.38 2.49
N LYS D 71 -25.43 3.67 2.34
CA LYS D 71 -25.01 5.02 1.96
C LYS D 71 -25.51 5.40 0.58
N GLU D 72 -25.72 4.41 -0.28
CA GLU D 72 -26.20 4.67 -1.63
C GLU D 72 -27.73 4.68 -1.68
N ASN D 73 -28.36 4.48 -0.53
CA ASN D 73 -29.82 4.47 -0.43
C ASN D 73 -30.49 3.20 -0.95
N VAL D 74 -29.74 2.11 -1.03
CA VAL D 74 -30.32 0.86 -1.50
C VAL D 74 -30.93 0.16 -0.29
N ASP D 75 -32.16 -0.33 -0.44
CA ASP D 75 -32.83 -1.03 0.65
C ASP D 75 -32.08 -2.33 0.92
N THR D 76 -31.62 -2.49 2.17
CA THR D 76 -30.86 -3.66 2.58
C THR D 76 -31.65 -4.62 3.46
N ARG D 77 -32.88 -4.26 3.78
CA ARG D 77 -33.72 -5.12 4.62
C ARG D 77 -33.76 -6.56 4.09
N GLY D 78 -33.62 -6.71 2.78
CA GLY D 78 -33.64 -8.03 2.18
C GLY D 78 -32.31 -8.77 2.20
N ILE D 79 -31.30 -8.19 2.83
CA ILE D 79 -29.97 -8.81 2.92
C ILE D 79 -29.86 -9.55 4.26
N VAL D 80 -29.69 -10.87 4.18
CA VAL D 80 -29.58 -11.71 5.35
C VAL D 80 -28.13 -11.97 5.76
N LYS D 81 -27.93 -12.22 7.06
CA LYS D 81 -26.60 -12.52 7.58
C LYS D 81 -26.53 -14.01 7.88
N ASP D 82 -25.49 -14.67 7.38
CA ASP D 82 -25.30 -16.10 7.56
C ASP D 82 -24.43 -16.34 8.79
N GLU D 83 -24.82 -17.29 9.62
CA GLU D 83 -24.05 -17.59 10.83
C GLU D 83 -22.99 -18.66 10.62
N LYS D 84 -23.06 -19.36 9.49
CA LYS D 84 -22.09 -20.41 9.23
C LYS D 84 -21.09 -20.04 8.14
N LYS D 85 -21.60 -19.47 7.05
CA LYS D 85 -20.74 -19.08 5.95
C LYS D 85 -20.30 -17.62 6.09
N HIS D 86 -19.08 -17.34 5.66
CA HIS D 86 -18.59 -15.97 5.74
C HIS D 86 -18.89 -15.22 4.46
N THR D 87 -18.86 -13.89 4.56
CA THR D 87 -19.15 -13.01 3.43
C THR D 87 -18.33 -13.36 2.19
N GLY D 88 -18.97 -13.28 1.04
CA GLY D 88 -18.30 -13.57 -0.21
C GLY D 88 -17.13 -12.64 -0.48
N ILE D 89 -16.12 -13.19 -1.16
CA ILE D 89 -14.93 -12.45 -1.50
C ILE D 89 -14.37 -12.95 -2.83
N VAL D 90 -13.74 -12.04 -3.55
CA VAL D 90 -13.12 -12.37 -4.82
C VAL D 90 -11.93 -11.44 -5.01
N PHE D 91 -10.77 -12.04 -5.25
CA PHE D 91 -9.54 -11.32 -5.49
C PHE D 91 -9.54 -11.05 -6.99
N VAL D 92 -9.35 -9.80 -7.37
CA VAL D 92 -9.39 -9.45 -8.78
C VAL D 92 -8.19 -8.66 -9.28
N GLN D 93 -7.84 -8.90 -10.54
CA GLN D 93 -6.78 -8.19 -11.22
C GLN D 93 -7.48 -7.69 -12.48
N LEU D 94 -7.84 -6.42 -12.45
CA LEU D 94 -8.54 -5.79 -13.56
C LEU D 94 -7.59 -5.27 -14.63
N LYS D 95 -6.31 -5.17 -14.28
CA LYS D 95 -5.32 -4.64 -15.21
C LYS D 95 -4.63 -5.67 -16.11
N GLY D 96 -4.08 -5.17 -17.20
CA GLY D 96 -3.36 -6.01 -18.14
C GLY D 96 -4.17 -6.54 -19.30
N ALA D 97 -3.49 -7.29 -20.16
CA ALA D 97 -4.08 -7.89 -21.34
C ALA D 97 -5.02 -9.04 -20.97
N SER D 98 -4.74 -9.70 -19.85
CA SER D 98 -5.59 -10.80 -19.44
C SER D 98 -6.03 -10.73 -17.99
N PRO D 99 -7.04 -9.89 -17.71
CA PRO D 99 -7.57 -9.69 -16.35
C PRO D 99 -7.98 -11.05 -15.77
N SER D 100 -7.87 -11.21 -14.46
CA SER D 100 -8.21 -12.48 -13.84
C SER D 100 -8.80 -12.32 -12.45
N PHE D 101 -9.26 -13.42 -11.89
CA PHE D 101 -9.87 -13.41 -10.57
C PHE D 101 -9.79 -14.77 -9.88
N LEU D 102 -9.88 -14.75 -8.56
CA LEU D 102 -9.87 -15.95 -7.73
C LEU D 102 -11.03 -15.78 -6.79
N LEU D 103 -12.13 -16.47 -7.10
CA LEU D 103 -13.34 -16.37 -6.30
C LEU D 103 -13.51 -17.54 -5.33
N TYR D 104 -13.86 -17.22 -4.09
CA TYR D 104 -14.07 -18.24 -3.09
C TYR D 104 -15.56 -18.56 -3.06
N ASP D 105 -15.90 -19.81 -3.39
CA ASP D 105 -17.30 -20.21 -3.48
C ASP D 105 -18.04 -20.73 -2.25
N ASP D 106 -17.35 -21.13 -1.19
CA ASP D 106 -18.11 -21.60 -0.05
C ASP D 106 -18.45 -20.41 0.82
N VAL D 107 -19.16 -19.45 0.23
CA VAL D 107 -19.52 -18.23 0.93
C VAL D 107 -21.01 -18.03 1.11
N ALA D 108 -21.35 -17.02 1.91
CA ALA D 108 -22.74 -16.72 2.25
C ALA D 108 -23.75 -16.47 1.13
N TYR D 109 -23.37 -15.77 0.06
CA TYR D 109 -24.36 -15.50 -0.98
C TYR D 109 -24.72 -16.74 -1.80
N PHE D 110 -23.89 -17.78 -1.72
CA PHE D 110 -24.18 -19.02 -2.44
C PHE D 110 -24.96 -19.99 -1.54
N ASN D 111 -25.29 -19.56 -0.34
CA ASN D 111 -26.01 -20.40 0.61
C ASN D 111 -27.41 -19.92 0.97
N THR D 113 -31.51 -19.76 1.07
CA THR D 113 -32.63 -20.72 1.12
C THR D 113 -33.94 -19.93 1.06
N LEU D 114 -35.02 -20.60 0.66
CA LEU D 114 -36.32 -19.97 0.55
C LEU D 114 -36.69 -19.18 1.81
N ASN D 115 -36.23 -19.65 2.96
CA ASN D 115 -36.51 -18.98 4.21
C ASN D 115 -35.91 -17.57 4.17
N ASP D 116 -34.74 -17.48 3.55
CA ASP D 116 -34.00 -16.22 3.42
C ASP D 116 -34.62 -15.15 2.54
N ILE D 117 -35.59 -15.54 1.72
CA ILE D 117 -36.21 -14.56 0.83
C ILE D 117 -37.30 -13.71 1.45
N ASN D 118 -37.19 -12.40 1.26
CA ASN D 118 -38.18 -11.46 1.76
C ASN D 118 -39.15 -11.20 0.61
N TRP D 119 -40.20 -12.02 0.53
CA TRP D 119 -41.19 -11.92 -0.53
C TRP D 119 -41.89 -10.56 -0.66
N ASP D 120 -42.11 -9.90 0.46
CA ASP D 120 -42.77 -8.59 0.42
C ASP D 120 -42.01 -7.66 -0.51
N ILE D 121 -40.69 -7.76 -0.49
CA ILE D 121 -39.85 -6.91 -1.33
C ILE D 121 -39.77 -7.39 -2.78
N VAL D 122 -39.62 -8.69 -2.99
CA VAL D 122 -39.53 -9.19 -4.36
C VAL D 122 -40.83 -8.99 -5.12
N GLU D 123 -41.94 -8.89 -4.40
CA GLU D 123 -43.25 -8.73 -5.04
C GLU D 123 -43.65 -7.28 -5.28
N GLU D 124 -43.22 -6.38 -4.41
CA GLU D 124 -43.56 -4.97 -4.58
C GLU D 124 -42.89 -4.38 -5.82
N ALA D 125 -41.82 -5.01 -6.28
CA ALA D 125 -41.05 -4.52 -7.42
C ALA D 125 -41.69 -4.73 -8.79
N LYS D 126 -41.51 -3.74 -9.66
CA LYS D 126 -42.03 -3.79 -11.02
C LYS D 126 -41.06 -4.54 -11.92
N ILE D 127 -39.79 -4.46 -11.59
CA ILE D 127 -38.74 -5.14 -12.35
C ILE D 127 -37.84 -5.85 -11.35
N VAL D 128 -37.57 -7.11 -11.60
CA VAL D 128 -36.71 -7.92 -10.75
C VAL D 128 -35.50 -8.37 -11.57
N ASN D 129 -34.32 -7.92 -11.14
CA ASN D 129 -33.06 -8.23 -11.79
C ASN D 129 -32.29 -9.31 -11.03
N PHE D 130 -31.99 -10.44 -11.68
CA PHE D 130 -31.27 -11.48 -10.98
C PHE D 130 -29.94 -11.86 -11.61
N GLY D 131 -29.03 -12.34 -10.76
CA GLY D 131 -27.70 -12.69 -11.21
C GLY D 131 -27.47 -14.04 -11.87
N SER D 132 -26.40 -14.10 -12.65
CA SER D 132 -26.00 -15.31 -13.36
C SER D 132 -24.97 -16.03 -12.46
N VAL D 133 -24.05 -15.26 -11.89
CA VAL D 133 -23.01 -15.80 -11.02
C VAL D 133 -23.61 -16.52 -9.80
N ILE D 134 -24.66 -15.93 -9.23
CA ILE D 134 -25.34 -16.49 -8.06
C ILE D 134 -25.84 -17.91 -8.33
N LEU D 135 -26.02 -18.25 -9.61
CA LEU D 135 -26.53 -19.55 -10.02
C LEU D 135 -25.52 -20.69 -10.12
N ALA D 136 -24.23 -20.41 -9.91
CA ALA D 136 -23.20 -21.44 -10.01
C ALA D 136 -23.17 -22.46 -8.86
N ARG D 137 -23.88 -22.16 -7.77
CA ARG D 137 -23.88 -23.06 -6.63
C ARG D 137 -25.23 -23.09 -5.91
N ASN D 138 -25.56 -24.25 -5.36
CA ASN D 138 -26.79 -24.43 -4.59
C ASN D 138 -26.41 -24.17 -3.13
N PRO D 139 -27.39 -23.90 -2.27
CA PRO D 139 -28.84 -23.82 -2.51
C PRO D 139 -29.31 -22.54 -3.20
N SER D 140 -28.42 -21.56 -3.36
CA SER D 140 -28.78 -20.30 -3.98
C SER D 140 -29.38 -20.47 -5.37
N ARG D 141 -28.82 -21.39 -6.16
CA ARG D 141 -29.34 -21.64 -7.50
C ARG D 141 -30.82 -22.00 -7.44
N GLU D 142 -31.12 -23.11 -6.77
CA GLU D 142 -32.49 -23.56 -6.62
C GLU D 142 -33.37 -22.44 -6.08
N THR D 143 -32.91 -21.85 -4.98
CA THR D 143 -33.64 -20.77 -4.33
C THR D 143 -33.97 -19.63 -5.28
N VAL D 144 -33.00 -19.18 -6.07
CA VAL D 144 -33.24 -18.08 -7.00
C VAL D 144 -34.18 -18.50 -8.13
N LYS D 146 -36.44 -20.64 -8.05
CA LYS D 146 -37.78 -20.75 -7.47
C LYS D 146 -38.44 -19.37 -7.38
N VAL D 147 -37.67 -18.37 -6.94
CA VAL D 147 -38.20 -17.03 -6.82
C VAL D 147 -38.62 -16.44 -8.16
N ILE D 148 -37.73 -16.53 -9.15
CA ILE D 148 -38.01 -16.00 -10.48
C ILE D 148 -39.25 -16.66 -11.09
N LYS D 149 -39.32 -17.98 -11.02
CA LYS D 149 -40.47 -18.69 -11.56
C LYS D 149 -41.77 -18.28 -10.88
N LYS D 150 -41.73 -18.09 -9.58
CA LYS D 150 -42.94 -17.71 -8.84
C LYS D 150 -43.50 -16.34 -9.19
N ILE D 151 -42.62 -15.32 -9.26
CA ILE D 151 -43.07 -13.97 -9.57
C ILE D 151 -43.33 -13.70 -11.04
N LYS D 152 -42.85 -14.57 -11.91
CA LYS D 152 -43.02 -14.41 -13.36
C LYS D 152 -44.45 -14.00 -13.70
N GLY D 153 -44.59 -12.95 -14.50
CA GLY D 153 -45.91 -12.48 -14.88
C GLY D 153 -46.40 -11.33 -14.03
N SER D 154 -45.99 -11.32 -12.76
CA SER D 154 -46.38 -10.26 -11.85
C SER D 154 -45.39 -9.11 -11.91
N SER D 155 -44.17 -9.41 -12.33
CA SER D 155 -43.12 -8.40 -12.43
C SER D 155 -42.30 -8.66 -13.68
N LEU D 156 -41.66 -7.63 -14.20
CA LEU D 156 -40.81 -7.80 -15.37
C LEU D 156 -39.50 -8.40 -14.86
N ILE D 157 -39.00 -9.42 -15.54
CA ILE D 157 -37.76 -10.08 -15.15
C ILE D 157 -36.58 -9.68 -16.04
N ALA D 158 -35.47 -9.33 -15.40
CA ALA D 158 -34.25 -8.91 -16.11
C ALA D 158 -33.10 -9.86 -15.78
N PHE D 159 -32.36 -10.26 -16.80
CA PHE D 159 -31.24 -11.17 -16.59
C PHE D 159 -30.00 -10.78 -17.39
N ASP D 160 -28.87 -10.64 -16.69
CA ASP D 160 -27.61 -10.32 -17.30
C ASP D 160 -26.86 -11.64 -17.36
N VAL D 161 -26.56 -12.11 -18.56
CA VAL D 161 -25.85 -13.38 -18.73
C VAL D 161 -24.56 -13.42 -17.90
N ASN D 162 -23.80 -12.32 -17.89
CA ASN D 162 -22.56 -12.21 -17.12
C ASN D 162 -21.93 -13.58 -16.89
N LEU D 163 -21.54 -14.21 -17.99
CA LEU D 163 -20.98 -15.56 -17.98
C LEU D 163 -19.58 -15.72 -17.41
N ARG D 164 -19.46 -16.67 -16.49
CA ARG D 164 -18.19 -16.97 -15.85
C ARG D 164 -17.93 -18.48 -15.89
N LEU D 165 -17.28 -18.92 -16.97
CA LEU D 165 -16.98 -20.34 -17.17
C LEU D 165 -16.25 -21.02 -16.02
N ASP D 166 -15.26 -20.35 -15.44
CA ASP D 166 -14.51 -20.94 -14.33
C ASP D 166 -15.42 -21.33 -13.18
N LEU D 167 -16.59 -20.71 -13.11
CA LEU D 167 -17.54 -21.00 -12.04
C LEU D 167 -18.39 -22.23 -12.29
N TRP D 168 -18.25 -22.83 -13.47
CA TRP D 168 -19.03 -24.02 -13.81
C TRP D 168 -18.18 -25.19 -14.29
N ARG D 169 -16.87 -25.11 -14.11
CA ARG D 169 -16.00 -26.20 -14.57
C ARG D 169 -16.47 -27.52 -13.98
N GLY D 170 -16.56 -28.53 -14.84
CA GLY D 170 -16.99 -29.84 -14.40
C GLY D 170 -18.50 -29.95 -14.30
N GLN D 171 -19.21 -28.93 -14.77
CA GLN D 171 -20.66 -28.95 -14.71
C GLN D 171 -21.26 -28.05 -15.79
N GLU D 172 -20.57 -27.97 -16.92
CA GLU D 172 -21.00 -27.15 -18.04
C GLU D 172 -22.38 -27.51 -18.57
N GLU D 173 -22.71 -28.80 -18.59
CA GLU D 173 -24.03 -29.20 -19.09
C GLU D 173 -25.10 -28.52 -18.25
N GLU D 174 -25.00 -28.66 -16.93
CA GLU D 174 -25.95 -28.04 -16.03
C GLU D 174 -25.99 -26.54 -16.28
N ILE D 176 -25.48 -24.88 -19.08
CA ILE D 176 -26.25 -24.63 -20.28
C ILE D 176 -27.73 -24.65 -19.95
N LYS D 177 -28.15 -25.65 -19.18
CA LYS D 177 -29.55 -25.77 -18.79
C LYS D 177 -30.02 -24.57 -17.99
N VAL D 178 -29.30 -24.28 -16.90
CA VAL D 178 -29.62 -23.17 -16.02
C VAL D 178 -29.70 -21.82 -16.75
N LEU D 179 -28.74 -21.55 -17.63
CA LEU D 179 -28.73 -20.29 -18.36
C LEU D 179 -29.87 -20.24 -19.37
N GLU D 180 -30.03 -21.31 -20.14
CA GLU D 180 -31.09 -21.37 -21.13
C GLU D 180 -32.43 -21.16 -20.42
N GLU D 181 -32.58 -21.81 -19.28
CA GLU D 181 -33.81 -21.69 -18.49
C GLU D 181 -34.01 -20.27 -17.96
N SER D 182 -32.92 -19.62 -17.56
CA SER D 182 -32.97 -18.26 -17.06
C SER D 182 -33.38 -17.30 -18.17
N ILE D 183 -32.70 -17.41 -19.31
CA ILE D 183 -33.00 -16.55 -20.45
C ILE D 183 -34.49 -16.61 -20.77
N LYS D 184 -35.00 -17.83 -20.88
CA LYS D 184 -36.42 -18.04 -21.20
C LYS D 184 -37.40 -17.45 -20.20
N LEU D 185 -36.91 -17.07 -19.02
CA LEU D 185 -37.78 -16.49 -18.01
C LEU D 185 -37.69 -14.97 -18.03
N ALA D 186 -36.62 -14.47 -18.63
CA ALA D 186 -36.38 -13.04 -18.68
C ALA D 186 -37.06 -12.29 -19.81
N ASP D 187 -37.62 -11.13 -19.47
CA ASP D 187 -38.28 -10.26 -20.43
C ASP D 187 -37.19 -9.36 -20.99
N ILE D 188 -36.22 -9.03 -20.13
CA ILE D 188 -35.12 -8.17 -20.48
C ILE D 188 -33.81 -8.94 -20.27
N VAL D 189 -33.12 -9.23 -21.37
CA VAL D 189 -31.88 -9.99 -21.33
C VAL D 189 -30.69 -9.15 -21.80
N LYS D 190 -29.62 -9.15 -21.01
CA LYS D 190 -28.41 -8.42 -21.36
C LYS D 190 -27.27 -9.43 -21.54
N ALA D 191 -26.40 -9.16 -22.51
CA ALA D 191 -25.25 -10.03 -22.77
C ALA D 191 -24.26 -9.34 -23.70
N SER D 192 -23.00 -9.72 -23.59
CA SER D 192 -21.96 -9.16 -24.45
C SER D 192 -22.01 -10.00 -25.72
N GLU D 193 -21.54 -9.45 -26.83
CA GLU D 193 -21.57 -10.19 -28.08
C GLU D 193 -20.84 -11.53 -27.90
N GLU D 194 -19.73 -11.51 -27.16
CA GLU D 194 -18.96 -12.74 -26.92
C GLU D 194 -19.86 -13.83 -26.32
N GLU D 195 -20.58 -13.46 -25.28
CA GLU D 195 -21.47 -14.40 -24.59
C GLU D 195 -22.54 -14.90 -25.55
N VAL D 196 -23.07 -13.99 -26.36
CA VAL D 196 -24.10 -14.34 -27.32
C VAL D 196 -23.56 -15.42 -28.25
N LEU D 197 -22.36 -15.20 -28.78
CA LEU D 197 -21.73 -16.15 -29.69
C LEU D 197 -21.51 -17.50 -28.99
N TYR D 198 -20.76 -17.47 -27.89
CA TYR D 198 -20.48 -18.68 -27.14
C TYR D 198 -21.72 -19.52 -26.84
N LEU D 199 -22.81 -18.87 -26.44
CA LEU D 199 -24.03 -19.59 -26.10
C LEU D 199 -24.81 -20.17 -27.28
N GLU D 200 -24.97 -19.38 -28.35
CA GLU D 200 -25.71 -19.88 -29.51
C GLU D 200 -24.99 -21.08 -30.08
N ASN D 201 -23.67 -21.09 -29.91
CA ASN D 201 -22.83 -22.19 -30.39
C ASN D 201 -23.11 -23.43 -29.56
N GLN D 202 -23.97 -23.27 -28.55
CA GLN D 202 -24.35 -24.36 -27.65
C GLN D 202 -25.82 -24.68 -27.84
N GLY D 203 -26.43 -24.05 -28.84
CA GLY D 203 -27.84 -24.29 -29.11
C GLY D 203 -28.72 -23.49 -28.15
N VAL D 204 -28.14 -22.42 -27.61
CA VAL D 204 -28.86 -21.57 -26.67
C VAL D 204 -29.10 -20.20 -27.31
N GLU D 205 -30.36 -19.77 -27.33
CA GLU D 205 -30.69 -18.49 -27.92
C GLU D 205 -30.70 -17.38 -26.87
N VAL D 206 -29.82 -16.41 -27.02
CA VAL D 206 -29.75 -15.29 -26.09
C VAL D 206 -30.75 -14.23 -26.55
N LYS D 207 -31.96 -14.28 -25.98
CA LYS D 207 -33.01 -13.33 -26.34
C LYS D 207 -34.03 -13.11 -25.23
N GLY D 208 -34.42 -11.85 -25.04
CA GLY D 208 -35.42 -11.54 -24.04
C GLY D 208 -36.75 -11.48 -24.75
N SER D 209 -37.83 -11.90 -24.08
CA SER D 209 -39.16 -11.89 -24.68
C SER D 209 -39.66 -10.47 -24.98
N LEU D 211 -37.11 -7.59 -24.68
CA LEU D 211 -35.95 -6.84 -25.15
C LEU D 211 -34.65 -7.59 -24.90
N THR D 212 -33.71 -7.39 -25.80
CA THR D 212 -32.40 -7.99 -25.68
C THR D 212 -31.41 -6.86 -25.88
N ALA D 213 -30.36 -6.83 -25.07
CA ALA D 213 -29.33 -5.80 -25.17
C ALA D 213 -27.98 -6.47 -25.30
N ILE D 214 -27.37 -6.33 -26.48
CA ILE D 214 -26.07 -6.91 -26.73
C ILE D 214 -25.00 -5.82 -26.68
N THR D 215 -24.07 -5.95 -25.74
CA THR D 215 -23.00 -4.98 -25.61
C THR D 215 -21.88 -5.31 -26.59
N LEU D 216 -21.28 -4.29 -27.17
CA LEU D 216 -20.22 -4.48 -28.15
C LEU D 216 -18.93 -3.79 -27.72
N GLY D 217 -18.67 -3.81 -26.42
CA GLY D 217 -17.47 -3.18 -25.89
C GLY D 217 -17.47 -1.68 -26.01
N PRO D 218 -16.28 -1.06 -26.00
CA PRO D 218 -16.15 0.40 -26.11
C PRO D 218 -16.87 0.92 -27.36
N LYS D 219 -17.06 0.04 -28.34
CA LYS D 219 -17.72 0.39 -29.59
C LYS D 219 -19.13 0.92 -29.30
N GLY D 220 -19.90 0.12 -28.56
CA GLY D 220 -21.26 0.49 -28.23
C GLY D 220 -22.12 -0.72 -27.92
N PHE D 221 -23.43 -0.54 -27.99
CA PHE D 221 -24.36 -1.62 -27.72
C PHE D 221 -25.31 -1.83 -28.89
N ARG D 222 -26.29 -2.71 -28.69
CA ARG D 222 -27.27 -3.01 -29.72
C ARG D 222 -28.56 -3.47 -29.05
N LEU D 223 -29.68 -2.96 -29.53
CA LEU D 223 -30.97 -3.34 -28.95
C LEU D 223 -31.78 -4.17 -29.93
N ILE D 224 -32.48 -5.16 -29.40
CA ILE D 224 -33.31 -6.03 -30.23
C ILE D 224 -34.72 -6.10 -29.66
N LYS D 225 -35.68 -5.57 -30.43
CA LYS D 225 -37.08 -5.56 -30.05
C LYS D 225 -37.79 -6.33 -31.17
N ASN D 226 -38.38 -7.48 -30.83
CA ASN D 226 -39.06 -8.35 -31.81
C ASN D 226 -38.12 -8.64 -32.98
N GLU D 227 -38.36 -7.98 -34.11
CA GLU D 227 -37.53 -8.18 -35.29
C GLU D 227 -36.65 -6.95 -35.50
N THR D 228 -36.94 -5.90 -34.75
CA THR D 228 -36.19 -4.64 -34.82
C THR D 228 -34.82 -4.73 -34.16
N VAL D 229 -33.77 -4.44 -34.92
CA VAL D 229 -32.40 -4.44 -34.44
C VAL D 229 -31.82 -3.03 -34.65
N VAL D 230 -31.31 -2.43 -33.58
CA VAL D 230 -30.75 -1.08 -33.64
C VAL D 230 -29.36 -1.01 -33.03
N ASP D 231 -28.38 -0.59 -33.82
CA ASP D 231 -27.03 -0.45 -33.31
C ASP D 231 -26.90 0.96 -32.78
N VAL D 232 -26.23 1.10 -31.64
CA VAL D 232 -26.06 2.41 -31.03
C VAL D 232 -24.60 2.68 -30.73
N PRO D 233 -23.95 3.50 -31.56
CA PRO D 233 -22.54 3.82 -31.35
C PRO D 233 -22.35 4.55 -30.03
N SER D 234 -21.21 4.33 -29.39
CA SER D 234 -20.91 4.95 -28.12
C SER D 234 -20.54 6.41 -28.27
N TYR D 235 -20.97 7.24 -27.32
CA TYR D 235 -20.64 8.66 -27.36
C TYR D 235 -19.14 8.77 -27.10
N ASN D 236 -18.57 9.91 -27.44
CA ASN D 236 -17.14 10.10 -27.21
C ASN D 236 -16.84 10.53 -25.77
N VAL D 237 -15.87 9.84 -25.18
CA VAL D 237 -15.42 10.12 -23.81
C VAL D 237 -13.99 9.63 -23.71
N ASN D 238 -13.23 10.23 -22.81
CA ASN D 238 -11.84 9.85 -22.58
C ASN D 238 -11.86 8.99 -21.33
N PRO D 239 -12.32 7.75 -21.45
CA PRO D 239 -12.45 6.75 -20.39
C PRO D 239 -11.39 6.76 -19.32
N LEU D 240 -11.83 6.91 -18.07
CA LEU D 240 -10.90 6.90 -16.95
C LEU D 240 -10.84 5.47 -16.44
N ASP D 241 -12.02 4.87 -16.31
CA ASP D 241 -12.15 3.51 -15.82
C ASP D 241 -13.51 2.95 -16.25
N THR D 242 -13.49 1.88 -17.04
CA THR D 242 -14.71 1.26 -17.55
C THR D 242 -15.19 0.05 -16.75
N THR D 243 -14.60 -0.17 -15.58
CA THR D 243 -14.98 -1.30 -14.73
C THR D 243 -16.50 -1.42 -14.49
N GLY D 244 -17.13 -0.33 -14.09
CA GLY D 244 -18.56 -0.36 -13.82
C GLY D 244 -19.50 -0.13 -14.99
N ALA D 245 -18.93 0.05 -16.19
CA ALA D 245 -19.73 0.32 -17.39
C ALA D 245 -20.86 -0.67 -17.63
N GLY D 246 -20.55 -1.96 -17.50
CA GLY D 246 -21.56 -2.97 -17.71
C GLY D 246 -22.78 -2.86 -16.83
N ASP D 247 -22.56 -2.74 -15.52
CA ASP D 247 -23.67 -2.64 -14.61
C ASP D 247 -24.33 -1.28 -14.66
N ALA D 248 -23.56 -0.25 -14.99
CA ALA D 248 -24.12 1.09 -15.12
C ALA D 248 -25.08 1.03 -16.30
N PHE D 249 -24.61 0.45 -17.40
CA PHE D 249 -25.42 0.27 -18.60
C PHE D 249 -26.71 -0.48 -18.23
N ALA D 251 -28.10 -0.73 -15.31
CA ALA D 251 -28.91 0.10 -14.43
C ALA D 251 -29.74 1.07 -15.25
N ALA D 252 -29.08 1.77 -16.17
CA ALA D 252 -29.75 2.74 -17.03
C ALA D 252 -30.86 2.05 -17.84
N LEU D 253 -30.54 0.90 -18.42
CA LEU D 253 -31.48 0.13 -19.24
C LEU D 253 -32.77 -0.23 -18.50
N LEU D 254 -32.65 -0.64 -17.23
CA LEU D 254 -33.81 -1.00 -16.43
C LEU D 254 -34.59 0.23 -15.96
N VAL D 255 -33.88 1.34 -15.79
CA VAL D 255 -34.52 2.59 -15.37
C VAL D 255 -35.25 3.19 -16.57
N GLY D 256 -34.62 3.12 -17.74
CA GLY D 256 -35.24 3.64 -18.94
C GLY D 256 -36.54 2.92 -19.25
N ILE D 257 -36.50 1.59 -19.16
CA ILE D 257 -37.69 0.79 -19.43
C ILE D 257 -38.81 1.13 -18.45
N LEU D 258 -38.43 1.27 -17.19
CA LEU D 258 -39.38 1.58 -16.13
C LEU D 258 -40.07 2.93 -16.34
N LYS D 259 -39.30 3.95 -16.70
CA LYS D 259 -39.82 5.30 -16.90
C LYS D 259 -40.53 5.54 -18.22
N LEU D 260 -40.02 4.96 -19.29
CA LEU D 260 -40.59 5.18 -20.61
C LEU D 260 -41.69 4.22 -21.05
N LYS D 261 -42.93 4.70 -21.04
CA LYS D 261 -44.05 3.88 -21.49
C LYS D 261 -43.83 3.71 -22.99
N GLY D 262 -43.66 2.46 -23.43
CA GLY D 262 -43.42 2.18 -24.84
C GLY D 262 -41.93 2.09 -25.09
N LEU D 263 -41.46 0.94 -25.53
CA LEU D 263 -40.04 0.73 -25.80
C LEU D 263 -39.43 1.59 -26.90
N ASP D 264 -39.37 2.89 -26.68
CA ASP D 264 -38.78 3.79 -27.66
C ASP D 264 -37.27 3.52 -27.65
N LEU D 265 -36.83 2.54 -28.43
CA LEU D 265 -35.42 2.19 -28.47
C LEU D 265 -34.53 3.38 -28.78
N LEU D 266 -35.09 4.42 -29.39
CA LEU D 266 -34.30 5.59 -29.70
C LEU D 266 -34.05 6.36 -28.41
N LYS D 267 -35.10 6.54 -27.62
CA LYS D 267 -34.97 7.24 -26.34
C LYS D 267 -34.10 6.37 -25.44
N LEU D 268 -34.61 5.17 -25.18
CA LEU D 268 -33.93 4.18 -24.33
C LEU D 268 -32.48 3.99 -24.77
N GLY D 269 -32.26 3.79 -26.06
CA GLY D 269 -30.92 3.61 -26.56
C GLY D 269 -30.00 4.76 -26.23
N LYS D 270 -30.50 5.98 -26.36
CA LYS D 270 -29.72 7.18 -26.09
C LYS D 270 -29.44 7.36 -24.60
N PHE D 271 -30.41 6.97 -23.77
CA PHE D 271 -30.25 7.09 -22.32
C PHE D 271 -29.13 6.18 -21.83
N ALA D 272 -29.21 4.90 -22.16
CA ALA D 272 -28.21 3.92 -21.75
C ALA D 272 -26.81 4.29 -22.25
N ASN D 273 -26.73 4.74 -23.50
CA ASN D 273 -25.45 5.15 -24.08
C ASN D 273 -24.86 6.25 -23.22
N LEU D 274 -25.69 7.24 -22.90
CA LEU D 274 -25.29 8.38 -22.09
C LEU D 274 -24.78 7.95 -20.71
N VAL D 275 -25.60 7.19 -19.99
CA VAL D 275 -25.21 6.74 -18.65
C VAL D 275 -23.97 5.86 -18.66
N ALA D 276 -23.95 4.90 -19.58
CA ALA D 276 -22.81 3.98 -19.66
C ALA D 276 -21.54 4.73 -19.98
N ALA D 277 -21.59 5.61 -20.98
CA ALA D 277 -20.41 6.37 -21.38
C ALA D 277 -19.89 7.24 -20.23
N LEU D 278 -20.77 8.05 -19.64
CA LEU D 278 -20.38 8.92 -18.53
C LEU D 278 -19.79 8.15 -17.34
N SER D 279 -20.29 6.94 -17.10
CA SER D 279 -19.81 6.14 -15.98
C SER D 279 -18.32 5.83 -16.12
N THR D 280 -17.81 5.86 -17.35
CA THR D 280 -16.40 5.58 -17.60
C THR D 280 -15.53 6.72 -17.06
N GLN D 281 -16.18 7.70 -16.45
CA GLN D 281 -15.50 8.84 -15.84
C GLN D 281 -15.29 8.58 -14.35
N LYS D 282 -16.03 7.61 -13.81
CA LYS D 282 -15.92 7.24 -12.39
C LYS D 282 -15.12 5.97 -12.24
N ARG D 283 -14.46 5.82 -11.09
CA ARG D 283 -13.65 4.65 -10.78
C ARG D 283 -14.46 3.61 -9.99
N GLY D 284 -14.10 2.34 -10.13
CA GLY D 284 -14.77 1.29 -9.38
C GLY D 284 -15.98 0.61 -9.96
N ALA D 285 -16.48 -0.38 -9.23
CA ALA D 285 -17.64 -1.16 -9.64
C ALA D 285 -18.95 -0.37 -9.62
N TRP D 286 -18.99 0.71 -8.84
CA TRP D 286 -20.18 1.55 -8.73
C TRP D 286 -19.89 2.89 -9.40
N SER D 287 -19.84 2.88 -10.73
CA SER D 287 -19.53 4.08 -11.49
C SER D 287 -20.72 4.78 -12.14
N THR D 288 -21.93 4.34 -11.81
CA THR D 288 -23.11 4.95 -12.40
C THR D 288 -23.24 6.41 -11.98
N PRO D 289 -23.45 7.31 -12.95
CA PRO D 289 -23.59 8.74 -12.63
C PRO D 289 -24.90 9.04 -11.91
N ARG D 290 -24.88 10.07 -11.06
CA ARG D 290 -26.08 10.46 -10.33
C ARG D 290 -27.05 11.23 -11.23
N LYS D 291 -28.33 11.18 -10.89
CA LYS D 291 -29.36 11.87 -11.64
C LYS D 291 -29.04 13.36 -11.75
N ASP D 292 -28.60 13.96 -10.65
CA ASP D 292 -28.26 15.37 -10.61
C ASP D 292 -27.19 15.78 -11.62
N GLU D 293 -26.48 14.80 -12.17
CA GLU D 293 -25.42 15.09 -13.14
C GLU D 293 -25.91 14.84 -14.56
N LEU D 294 -26.96 14.04 -14.70
CA LEU D 294 -27.50 13.70 -16.01
C LEU D 294 -28.57 14.65 -16.52
N LEU D 295 -29.13 15.49 -15.64
CA LEU D 295 -30.18 16.42 -16.03
C LEU D 295 -29.72 17.43 -17.08
N LYS D 296 -28.44 17.77 -17.07
CA LYS D 296 -27.89 18.71 -18.03
C LYS D 296 -28.07 18.21 -19.47
N TYR D 297 -28.24 16.89 -19.60
CA TYR D 297 -28.39 16.25 -20.90
C TYR D 297 -29.85 16.00 -21.30
N LYS D 298 -30.16 16.24 -22.57
CA LYS D 298 -31.49 16.04 -23.10
C LYS D 298 -31.88 14.55 -23.17
N GLU D 299 -30.88 13.69 -23.35
CA GLU D 299 -31.12 12.26 -23.43
C GLU D 299 -31.70 11.77 -22.11
N ALA D 300 -31.10 12.21 -21.01
CA ALA D 300 -31.55 11.83 -19.68
C ALA D 300 -32.86 12.50 -19.28
N ARG D 301 -32.96 13.79 -19.55
CA ARG D 301 -34.17 14.54 -19.19
C ARG D 301 -35.42 13.81 -19.67
N GLU D 302 -35.32 13.18 -20.83
CA GLU D 302 -36.42 12.42 -21.39
C GLU D 302 -36.88 11.37 -20.39
N VAL D 303 -35.95 10.49 -20.01
CA VAL D 303 -36.21 9.42 -19.07
C VAL D 303 -36.34 9.85 -17.62
N LEU D 304 -35.32 10.54 -17.11
CA LEU D 304 -35.32 10.99 -15.72
C LEU D 304 -36.41 12.02 -15.42
#